data_6F8V
#
_entry.id   6F8V
#
_cell.length_a   64.558
_cell.length_b   98.314
_cell.length_c   120.089
_cell.angle_alpha   90.00
_cell.angle_beta   90.00
_cell.angle_gamma   90.00
#
_symmetry.space_group_name_H-M   'P 21 21 21'
#
loop_
_entity.id
_entity.type
_entity.pdbx_description
1 polymer "cAMP-specific 3',5'-cyclic phosphodiesterase 4D"
2 non-polymer 'ZINC ION'
3 non-polymer 'MAGNESIUM ION'
4 non-polymer 3-[3-(3-cyclopentyloxy-4-methoxy-phenyl)pyrazol-1-yl]-1-[(2~{R},6~{R})-2,6-dimethylmorpholin-4-yl]propan-1-one
5 water water
#
_entity_poly.entity_id   1
_entity_poly.type   'polypeptide(L)'
_entity_poly.pdbx_seq_one_letter_code
;MSIPRFGVKTEQEDVLAKELEDVNKWGLHVFRIAELSGNRPLTVIMHTIFQERDLLKTFKIPVDTLITYLMTLEDHYHAD
VAYHNNIHAADVVQSTHVLLSTPALEAVFTDLEILAAIFASAIHDVDHPGVSNQFLINTNSELALMYNDSSVLENHHLAV
GFKLLQEENCDIFQNLTKKQRQSLRKMVIDIVLATDMSKHMNLLADLKTMVETKKVTSSGVLLLDNYSDRIQVLQNMVHC
ADLSNPTKPLQLYRQWTDRIMEEFFRQGDRERERGMEISPMCDKHNASVEKSQVGFIDYIVHPLWETWADLVHPDAQDIL
DTLEDNREWYQSTIPQAHHHHHH
;
_entity_poly.pdbx_strand_id   A,B
#
loop_
_chem_comp.id
_chem_comp.type
_chem_comp.name
_chem_comp.formula
D0B non-polymer 3-[3-(3-cyclopentyloxy-4-methoxy-phenyl)pyrazol-1-yl]-1-[(2~{R},6~{R})-2,6-dimethylmorpholin-4-yl]propan-1-one 'C24 H33 N3 O4'
MG non-polymer 'MAGNESIUM ION' 'Mg 2'
ZN non-polymer 'ZINC ION' 'Zn 2'
#
# COMPACT_ATOMS: atom_id res chain seq x y z
N LYS A 9 7.03 -28.73 -20.48
CA LYS A 9 6.00 -28.15 -21.34
C LYS A 9 6.53 -27.00 -22.23
N THR A 10 7.71 -27.20 -22.79
CA THR A 10 8.31 -26.27 -23.74
C THR A 10 9.28 -27.07 -24.62
N GLU A 11 9.53 -26.63 -25.86
CA GLU A 11 10.49 -27.32 -26.71
C GLU A 11 11.88 -27.29 -26.06
N GLN A 12 12.57 -28.43 -26.04
CA GLN A 12 13.81 -28.53 -25.28
C GLN A 12 14.97 -29.19 -26.05
N GLU A 13 14.63 -29.97 -27.08
CA GLU A 13 15.63 -30.73 -27.84
C GLU A 13 16.33 -31.79 -26.97
N ASP A 14 16.06 -31.75 -25.68
CA ASP A 14 16.74 -32.60 -24.72
C ASP A 14 15.80 -33.22 -23.71
N VAL A 15 16.30 -33.32 -22.49
CA VAL A 15 15.64 -34.01 -21.38
C VAL A 15 16.73 -34.24 -20.34
N LEU A 16 16.79 -33.46 -19.25
CA LEU A 16 15.82 -32.46 -18.73
C LEU A 16 14.87 -33.15 -17.75
N ALA A 17 14.37 -34.33 -18.12
CA ALA A 17 13.53 -35.11 -17.22
C ALA A 17 14.34 -35.66 -16.06
N LYS A 18 15.61 -35.96 -16.33
CA LYS A 18 16.53 -36.44 -15.30
C LYS A 18 16.74 -35.36 -14.22
N GLU A 19 16.91 -34.12 -14.67
CA GLU A 19 17.08 -33.00 -13.75
C GLU A 19 15.76 -32.73 -13.01
N LEU A 20 14.64 -32.81 -13.74
CA LEU A 20 13.34 -32.50 -13.16
C LEU A 20 12.93 -33.52 -12.09
N GLU A 21 13.66 -34.63 -12.00
CA GLU A 21 13.39 -35.61 -10.96
C GLU A 21 13.76 -35.04 -9.59
N ASP A 22 14.47 -33.92 -9.58
CA ASP A 22 14.85 -33.29 -8.31
C ASP A 22 13.95 -32.11 -7.96
N VAL A 23 12.84 -31.94 -8.70
CA VAL A 23 11.91 -30.84 -8.46
C VAL A 23 11.32 -30.91 -7.05
N ASN A 24 11.32 -32.10 -6.45
CA ASN A 24 10.83 -32.23 -5.09
C ASN A 24 11.98 -32.12 -4.09
N LYS A 25 13.18 -31.83 -4.60
CA LYS A 25 14.34 -31.76 -3.72
C LYS A 25 14.91 -30.34 -3.60
N TRP A 26 15.34 -30.00 -2.39
CA TRP A 26 16.14 -28.81 -2.16
C TRP A 26 17.39 -28.93 -3.02
N GLY A 27 17.82 -27.86 -3.65
CA GLY A 27 19.02 -28.01 -4.48
C GLY A 27 18.83 -28.68 -5.84
N LEU A 28 17.58 -28.76 -6.31
CA LEU A 28 17.31 -28.86 -7.73
C LEU A 28 18.29 -27.93 -8.45
N HIS A 29 18.90 -28.34 -9.55
CA HIS A 29 19.81 -27.43 -10.23
C HIS A 29 19.05 -26.56 -11.22
N VAL A 30 18.57 -25.41 -10.75
CA VAL A 30 17.65 -24.62 -11.55
C VAL A 30 18.37 -23.96 -12.76
N PHE A 31 19.66 -23.73 -12.63
CA PHE A 31 20.40 -23.16 -13.76
C PHE A 31 20.48 -24.15 -14.91
N ARG A 32 20.76 -25.40 -14.57
CA ARG A 32 20.72 -26.48 -15.55
C ARG A 32 19.34 -26.54 -16.24
N ILE A 33 18.29 -26.45 -15.45
CA ILE A 33 16.93 -26.49 -16.02
C ILE A 33 16.72 -25.37 -17.02
N ALA A 34 17.27 -24.19 -16.72
CA ALA A 34 17.10 -23.04 -17.59
C ALA A 34 17.77 -23.29 -18.93
N GLU A 35 18.99 -23.80 -18.87
CA GLU A 35 19.77 -24.11 -20.07
C GLU A 35 19.07 -25.17 -20.91
N LEU A 36 18.62 -26.23 -20.26
CA LEU A 36 18.04 -27.36 -20.96
C LEU A 36 16.65 -27.09 -21.51
N SER A 37 16.02 -26.02 -21.05
CA SER A 37 14.65 -25.73 -21.43
C SER A 37 14.56 -24.58 -22.40
N GLY A 38 15.72 -24.08 -22.82
CA GLY A 38 15.75 -22.92 -23.71
C GLY A 38 15.42 -21.64 -22.95
N ASN A 39 15.94 -21.55 -21.72
CA ASN A 39 15.68 -20.43 -20.82
C ASN A 39 14.19 -20.28 -20.54
N ARG A 40 13.51 -21.40 -20.31
CA ARG A 40 12.12 -21.40 -19.83
C ARG A 40 11.98 -22.11 -18.49
N PRO A 41 12.87 -21.81 -17.53
CA PRO A 41 12.84 -22.51 -16.25
C PRO A 41 11.54 -22.29 -15.47
N LEU A 42 11.00 -21.06 -15.52
CA LEU A 42 9.75 -20.77 -14.80
C LEU A 42 8.55 -21.53 -15.38
N THR A 43 8.43 -21.54 -16.71
CA THR A 43 7.33 -22.27 -17.35
C THR A 43 7.47 -23.78 -17.09
N VAL A 44 8.68 -24.29 -17.26
CA VAL A 44 8.91 -25.73 -17.07
C VAL A 44 8.59 -26.14 -15.63
N ILE A 45 9.17 -25.43 -14.67
CA ILE A 45 9.02 -25.82 -13.28
C ILE A 45 7.56 -25.67 -12.82
N MET A 46 6.96 -24.54 -13.14
CA MET A 46 5.55 -24.32 -12.82
C MET A 46 4.66 -25.37 -13.44
N HIS A 47 4.88 -25.69 -14.71
CA HIS A 47 4.05 -26.70 -15.35
C HIS A 47 4.19 -28.05 -14.66
N THR A 48 5.41 -28.41 -14.26
CA THR A 48 5.65 -29.68 -13.56
C THR A 48 4.99 -29.72 -12.19
N ILE A 49 5.09 -28.62 -11.44
CA ILE A 49 4.46 -28.55 -10.12
C ILE A 49 2.94 -28.63 -10.22
N PHE A 50 2.35 -27.94 -11.19
CA PHE A 50 0.89 -27.97 -11.36
C PHE A 50 0.39 -29.38 -11.70
N GLN A 51 1.12 -30.07 -12.55
CA GLN A 51 0.80 -31.46 -12.88
C GLN A 51 0.96 -32.34 -11.65
N GLU A 52 2.08 -32.20 -10.95
CA GLU A 52 2.36 -33.05 -9.80
C GLU A 52 1.38 -32.86 -8.63
N ARG A 53 0.96 -31.62 -8.39
CA ARG A 53 -0.01 -31.34 -7.34
C ARG A 53 -1.46 -31.47 -7.85
N ASP A 54 -1.60 -31.87 -9.11
CA ASP A 54 -2.93 -32.09 -9.72
C ASP A 54 -3.81 -30.84 -9.72
N LEU A 55 -3.17 -29.68 -9.80
CA LEU A 55 -3.86 -28.41 -9.67
C LEU A 55 -4.71 -28.04 -10.89
N LEU A 56 -4.34 -28.56 -12.05
CA LEU A 56 -5.11 -28.29 -13.26
C LEU A 56 -6.50 -28.89 -13.12
N LYS A 57 -6.54 -30.17 -12.75
CA LYS A 57 -7.79 -30.89 -12.54
C LYS A 57 -8.59 -30.26 -11.39
N THR A 58 -7.94 -30.00 -10.27
CA THR A 58 -8.65 -29.46 -9.11
C THR A 58 -9.30 -28.13 -9.44
N PHE A 59 -8.60 -27.27 -10.17
CA PHE A 59 -9.15 -25.95 -10.43
C PHE A 59 -9.58 -25.78 -11.87
N LYS A 60 -9.65 -26.90 -12.59
CA LYS A 60 -10.10 -26.91 -13.98
C LYS A 60 -9.40 -25.84 -14.81
N ILE A 61 -8.07 -25.89 -14.76
CA ILE A 61 -7.23 -24.99 -15.52
C ILE A 61 -6.82 -25.66 -16.82
N PRO A 62 -7.25 -25.11 -17.94
CA PRO A 62 -6.88 -25.72 -19.23
C PRO A 62 -5.37 -25.67 -19.37
N VAL A 63 -4.74 -26.74 -19.84
CA VAL A 63 -3.28 -26.79 -19.84
C VAL A 63 -2.67 -25.75 -20.78
N ASP A 64 -3.32 -25.48 -21.92
CA ASP A 64 -2.76 -24.54 -22.88
C ASP A 64 -2.88 -23.12 -22.33
N THR A 65 -3.90 -22.91 -21.52
CA THR A 65 -4.09 -21.65 -20.80
C THR A 65 -2.98 -21.47 -19.77
N LEU A 66 -2.67 -22.53 -19.04
CA LEU A 66 -1.57 -22.47 -18.08
C LEU A 66 -0.25 -22.12 -18.76
N ILE A 67 0.07 -22.83 -19.85
CA ILE A 67 1.34 -22.59 -20.51
C ILE A 67 1.37 -21.22 -21.18
N THR A 68 0.23 -20.79 -21.73
CA THR A 68 0.19 -19.45 -22.29
C THR A 68 0.48 -18.38 -21.22
N TYR A 69 -0.14 -18.50 -20.05
CA TYR A 69 0.10 -17.51 -19.01
C TYR A 69 1.56 -17.55 -18.55
N LEU A 70 2.07 -18.74 -18.30
CA LEU A 70 3.42 -18.89 -17.80
C LEU A 70 4.44 -18.29 -18.75
N MET A 71 4.27 -18.54 -20.04
CA MET A 71 5.17 -18.03 -21.06
CA MET A 71 5.18 -18.02 -21.05
C MET A 71 5.14 -16.51 -21.08
N THR A 72 3.95 -15.94 -20.92
CA THR A 72 3.79 -14.51 -20.89
C THR A 72 4.40 -13.92 -19.60
N LEU A 73 4.08 -14.53 -18.46
CA LEU A 73 4.71 -14.15 -17.21
C LEU A 73 6.24 -14.21 -17.32
N GLU A 74 6.76 -15.32 -17.84
CA GLU A 74 8.21 -15.49 -17.97
C GLU A 74 8.81 -14.42 -18.87
N ASP A 75 8.07 -14.01 -19.89
CA ASP A 75 8.55 -12.98 -20.82
C ASP A 75 8.66 -11.61 -20.17
N HIS A 76 8.00 -11.42 -19.03
CA HIS A 76 8.01 -10.14 -18.35
C HIS A 76 8.99 -10.10 -17.18
N TYR A 77 9.72 -11.19 -16.98
CA TYR A 77 10.98 -11.11 -16.24
C TYR A 77 12.05 -10.68 -17.23
N HIS A 78 12.85 -9.69 -16.85
CA HIS A 78 13.84 -9.10 -17.75
C HIS A 78 15.02 -10.02 -17.99
N ALA A 79 15.30 -10.29 -19.26
CA ALA A 79 16.44 -11.12 -19.62
C ALA A 79 17.79 -10.49 -19.25
N ASP A 80 17.90 -9.17 -19.22
CA ASP A 80 19.19 -8.53 -18.94
C ASP A 80 19.37 -8.12 -17.48
N VAL A 81 18.57 -8.68 -16.60
CA VAL A 81 18.76 -8.41 -15.18
C VAL A 81 19.42 -9.64 -14.57
N ALA A 82 20.54 -9.48 -13.85
CA ALA A 82 21.40 -10.62 -13.53
C ALA A 82 20.81 -11.57 -12.49
N TYR A 83 20.12 -11.02 -11.49
CA TYR A 83 19.57 -11.84 -10.41
C TYR A 83 18.03 -11.90 -10.50
N HIS A 84 17.37 -10.75 -10.57
CA HIS A 84 15.91 -10.75 -10.54
C HIS A 84 15.28 -11.05 -11.89
N ASN A 85 15.48 -12.28 -12.34
CA ASN A 85 15.09 -12.75 -13.66
C ASN A 85 14.22 -14.00 -13.53
N ASN A 86 13.83 -14.59 -14.66
CA ASN A 86 12.97 -15.78 -14.67
C ASN A 86 13.55 -16.98 -13.91
N ILE A 87 14.87 -17.10 -13.85
CA ILE A 87 15.50 -18.18 -13.08
C ILE A 87 15.27 -18.01 -11.56
N HIS A 88 15.38 -16.78 -11.06
CA HIS A 88 15.09 -16.52 -9.66
C HIS A 88 13.63 -16.85 -9.33
N ALA A 89 12.74 -16.47 -10.24
CA ALA A 89 11.31 -16.71 -10.06
C ALA A 89 11.08 -18.21 -10.06
N ALA A 90 11.73 -18.91 -10.98
CA ALA A 90 11.63 -20.36 -11.01
C ALA A 90 12.17 -20.99 -9.74
N ASP A 91 13.30 -20.44 -9.25
CA ASP A 91 13.91 -20.88 -8.01
C ASP A 91 13.00 -20.70 -6.80
N VAL A 92 12.36 -19.53 -6.68
CA VAL A 92 11.53 -19.30 -5.51
C VAL A 92 10.26 -20.15 -5.54
N VAL A 93 9.68 -20.31 -6.73
CA VAL A 93 8.59 -21.27 -6.94
C VAL A 93 8.97 -22.67 -6.46
N GLN A 94 10.09 -23.17 -6.94
CA GLN A 94 10.45 -24.56 -6.69
C GLN A 94 10.77 -24.77 -5.22
N SER A 95 11.38 -23.75 -4.61
CA SER A 95 11.74 -23.84 -3.20
C SER A 95 10.48 -23.84 -2.32
N THR A 96 9.53 -22.96 -2.65
CA THR A 96 8.24 -22.94 -1.99
C THR A 96 7.55 -24.29 -2.13
N HIS A 97 7.63 -24.86 -3.34
CA HIS A 97 7.03 -26.17 -3.62
C HIS A 97 7.59 -27.22 -2.66
N VAL A 98 8.89 -27.15 -2.39
CA VAL A 98 9.51 -28.11 -1.48
C VAL A 98 9.10 -27.84 -0.02
N LEU A 99 9.13 -26.56 0.38
CA LEU A 99 8.72 -26.19 1.73
C LEU A 99 7.28 -26.61 2.04
N LEU A 100 6.41 -26.49 1.06
CA LEU A 100 5.01 -26.88 1.24
C LEU A 100 4.86 -28.37 1.56
N SER A 101 5.81 -29.16 1.08
CA SER A 101 5.72 -30.61 1.19
C SER A 101 6.36 -31.09 2.50
N THR A 102 6.76 -30.16 3.34
CA THR A 102 7.47 -30.52 4.58
C THR A 102 6.53 -31.31 5.50
N PRO A 103 7.04 -32.38 6.13
CA PRO A 103 6.20 -33.27 6.94
C PRO A 103 5.36 -32.55 7.99
N ALA A 104 5.94 -31.53 8.61
CA ALA A 104 5.26 -30.82 9.69
C ALA A 104 4.08 -30.00 9.19
N LEU A 105 3.88 -29.94 7.87
CA LEU A 105 2.81 -29.13 7.30
C LEU A 105 1.84 -29.99 6.49
N GLU A 106 2.01 -31.30 6.61
CA GLU A 106 1.18 -32.25 5.91
C GLU A 106 -0.29 -31.98 6.14
N ALA A 107 -1.01 -31.78 5.04
CA ALA A 107 -2.45 -31.54 5.03
C ALA A 107 -2.87 -30.31 5.82
N VAL A 108 -1.94 -29.41 6.10
CA VAL A 108 -2.29 -28.18 6.80
C VAL A 108 -3.01 -27.21 5.86
N PHE A 109 -2.55 -27.11 4.62
CA PHE A 109 -3.11 -26.11 3.71
C PHE A 109 -4.08 -26.71 2.70
N THR A 110 -5.05 -25.89 2.30
CA THR A 110 -6.00 -26.26 1.25
C THR A 110 -5.33 -26.18 -0.11
N ASP A 111 -6.00 -26.73 -1.12
CA ASP A 111 -5.47 -26.68 -2.47
C ASP A 111 -5.40 -25.23 -2.97
N LEU A 112 -6.35 -24.40 -2.53
CA LEU A 112 -6.35 -23.00 -2.91
C LEU A 112 -5.20 -22.23 -2.27
N GLU A 113 -4.88 -22.59 -1.03
CA GLU A 113 -3.78 -21.94 -0.33
C GLU A 113 -2.44 -22.35 -0.95
N ILE A 114 -2.35 -23.62 -1.34
CA ILE A 114 -1.19 -24.14 -2.07
C ILE A 114 -1.04 -23.39 -3.38
N LEU A 115 -2.14 -23.31 -4.12
CA LEU A 115 -2.16 -22.53 -5.36
C LEU A 115 -1.75 -21.08 -5.14
N ALA A 116 -2.25 -20.43 -4.09
CA ALA A 116 -1.88 -19.05 -3.79
C ALA A 116 -0.37 -18.89 -3.57
N ALA A 117 0.22 -19.77 -2.77
CA ALA A 117 1.63 -19.66 -2.43
C ALA A 117 2.49 -19.87 -3.66
N ILE A 118 2.07 -20.79 -4.52
CA ILE A 118 2.84 -21.09 -5.71
C ILE A 118 2.74 -19.98 -6.76
N PHE A 119 1.52 -19.54 -7.02
CA PHE A 119 1.29 -18.38 -7.90
C PHE A 119 2.04 -17.16 -7.40
N ALA A 120 2.00 -16.91 -6.09
CA ALA A 120 2.65 -15.74 -5.54
C ALA A 120 4.15 -15.80 -5.79
N SER A 121 4.73 -16.98 -5.54
CA SER A 121 6.16 -17.20 -5.77
C SER A 121 6.52 -16.89 -7.23
N ALA A 122 5.69 -17.37 -8.15
CA ALA A 122 5.94 -17.19 -9.59
C ALA A 122 5.90 -15.73 -10.06
N ILE A 123 5.04 -14.91 -9.46
CA ILE A 123 4.89 -13.54 -9.92
C ILE A 123 5.65 -12.56 -9.02
N HIS A 124 6.25 -13.07 -7.95
CA HIS A 124 6.62 -12.18 -6.85
C HIS A 124 7.68 -11.12 -7.19
N ASP A 125 8.43 -11.32 -8.28
CA ASP A 125 9.36 -10.30 -8.75
C ASP A 125 9.17 -9.91 -10.22
N VAL A 126 8.00 -10.14 -10.80
CA VAL A 126 7.89 -9.95 -12.24
C VAL A 126 8.09 -8.47 -12.66
N ASP A 127 8.79 -8.28 -13.78
CA ASP A 127 9.10 -6.94 -14.32
C ASP A 127 10.00 -6.18 -13.38
N HIS A 128 10.83 -6.92 -12.66
CA HIS A 128 11.83 -6.30 -11.80
C HIS A 128 12.87 -5.60 -12.68
N PRO A 129 13.14 -4.32 -12.40
CA PRO A 129 14.08 -3.54 -13.20
C PRO A 129 15.54 -3.69 -12.76
N GLY A 130 15.80 -4.50 -11.73
CA GLY A 130 17.17 -4.68 -11.27
C GLY A 130 17.72 -3.59 -10.35
N VAL A 131 16.85 -2.71 -9.87
CA VAL A 131 17.21 -1.74 -8.84
C VAL A 131 16.26 -1.88 -7.65
N SER A 132 16.69 -1.36 -6.50
CA SER A 132 15.96 -1.46 -5.23
C SER A 132 14.79 -0.46 -5.11
N ASN A 133 13.89 -0.71 -4.16
CA ASN A 133 12.86 0.26 -3.84
C ASN A 133 13.47 1.63 -3.56
N GLN A 134 14.55 1.64 -2.79
CA GLN A 134 15.11 2.92 -2.35
C GLN A 134 15.71 3.70 -3.52
N PHE A 135 16.35 2.99 -4.46
CA PHE A 135 16.86 3.61 -5.68
C PHE A 135 15.71 4.27 -6.44
N LEU A 136 14.56 3.62 -6.46
CA LEU A 136 13.44 4.10 -7.25
C LEU A 136 12.83 5.32 -6.57
N ILE A 137 12.86 5.32 -5.25
CA ILE A 137 12.36 6.43 -4.47
C ILE A 137 13.30 7.62 -4.64
N ASN A 138 14.59 7.36 -4.43
CA ASN A 138 15.64 8.39 -4.50
C ASN A 138 15.74 9.08 -5.84
N THR A 139 15.39 8.37 -6.89
CA THR A 139 15.47 8.94 -8.22
C THR A 139 14.12 9.46 -8.73
N ASN A 140 13.13 9.50 -7.83
CA ASN A 140 11.80 10.03 -8.17
C ASN A 140 11.21 9.34 -9.39
N SER A 141 11.30 8.03 -9.42
CA SER A 141 10.80 7.27 -10.56
C SER A 141 9.29 7.37 -10.63
N GLU A 142 8.74 7.15 -11.81
CA GLU A 142 7.30 7.06 -11.99
C GLU A 142 6.68 5.97 -11.10
N LEU A 143 7.40 4.86 -10.90
CA LEU A 143 6.90 3.77 -10.07
C LEU A 143 6.74 4.21 -8.61
N ALA A 144 7.73 4.93 -8.08
CA ALA A 144 7.68 5.35 -6.68
C ALA A 144 6.59 6.42 -6.53
N LEU A 145 6.39 7.21 -7.59
CA LEU A 145 5.30 8.18 -7.64
C LEU A 145 3.93 7.48 -7.61
N MET A 146 3.79 6.44 -8.42
CA MET A 146 2.58 5.64 -8.49
C MET A 146 2.22 5.05 -7.11
N TYR A 147 3.23 4.52 -6.43
CA TYR A 147 2.97 3.78 -5.20
C TYR A 147 3.31 4.50 -3.90
N ASN A 148 3.54 5.82 -3.98
CA ASN A 148 3.78 6.64 -2.79
C ASN A 148 4.92 6.12 -1.91
N ASP A 149 5.98 5.68 -2.57
CA ASP A 149 7.19 5.18 -1.92
C ASP A 149 6.98 3.95 -1.03
N SER A 150 5.81 3.32 -1.08
CA SER A 150 5.50 2.19 -0.20
C SER A 150 5.50 0.86 -0.92
N SER A 151 6.37 -0.07 -0.51
CA SER A 151 6.52 -1.35 -1.21
C SER A 151 6.42 -1.17 -2.71
N VAL A 152 7.26 -0.30 -3.28
CA VAL A 152 7.07 0.12 -4.66
C VAL A 152 7.12 -1.06 -5.62
N LEU A 153 8.18 -1.85 -5.55
CA LEU A 153 8.30 -2.95 -6.51
C LEU A 153 7.31 -4.08 -6.21
N GLU A 154 7.05 -4.34 -4.95
CA GLU A 154 6.18 -5.44 -4.57
C GLU A 154 4.73 -5.19 -5.01
N ASN A 155 4.27 -3.95 -4.86
CA ASN A 155 3.00 -3.52 -5.43
C ASN A 155 2.94 -3.71 -6.94
N HIS A 156 4.02 -3.34 -7.60
CA HIS A 156 4.11 -3.45 -9.05
C HIS A 156 4.09 -4.90 -9.51
N HIS A 157 4.86 -5.75 -8.82
CA HIS A 157 4.94 -7.16 -9.18
C HIS A 157 3.55 -7.79 -9.17
N LEU A 158 2.80 -7.48 -8.11
CA LEU A 158 1.41 -7.96 -8.01
C LEU A 158 0.54 -7.43 -9.14
N ALA A 159 0.60 -6.12 -9.38
CA ALA A 159 -0.25 -5.54 -10.43
C ALA A 159 0.02 -6.20 -11.78
N VAL A 160 1.29 -6.43 -12.07
CA VAL A 160 1.65 -7.05 -13.34
C VAL A 160 1.18 -8.50 -13.37
N GLY A 161 1.47 -9.22 -12.29
CA GLY A 161 1.11 -10.64 -12.23
C GLY A 161 -0.38 -10.87 -12.46
N PHE A 162 -1.21 -10.01 -11.89
CA PHE A 162 -2.66 -10.14 -12.06
C PHE A 162 -3.11 -9.60 -13.43
N LYS A 163 -2.49 -8.51 -13.88
CA LYS A 163 -2.88 -7.89 -15.14
C LYS A 163 -2.68 -8.86 -16.32
N LEU A 164 -1.61 -9.65 -16.26
CA LEU A 164 -1.30 -10.60 -17.33
C LEU A 164 -2.34 -11.71 -17.48
N LEU A 165 -3.11 -11.94 -16.42
CA LEU A 165 -4.21 -12.90 -16.51
C LEU A 165 -5.21 -12.50 -17.60
N GLN A 166 -5.23 -11.22 -17.95
CA GLN A 166 -6.25 -10.68 -18.86
C GLN A 166 -5.86 -10.78 -20.33
N GLU A 167 -4.61 -11.17 -20.58
CA GLU A 167 -4.17 -11.39 -21.95
C GLU A 167 -4.84 -12.62 -22.54
N GLU A 168 -4.85 -12.73 -23.86
CA GLU A 168 -5.60 -13.77 -24.55
C GLU A 168 -5.24 -15.16 -24.05
N ASN A 169 -6.26 -15.93 -23.67
CA ASN A 169 -6.08 -17.31 -23.23
C ASN A 169 -5.08 -17.44 -22.06
N CYS A 170 -5.08 -16.45 -21.17
CA CYS A 170 -4.13 -16.38 -20.06
C CYS A 170 -4.75 -16.45 -18.65
N ASP A 171 -6.07 -16.54 -18.55
CA ASP A 171 -6.69 -16.48 -17.24
C ASP A 171 -6.80 -17.86 -16.66
N ILE A 172 -5.76 -18.25 -15.94
CA ILE A 172 -5.69 -19.56 -15.36
C ILE A 172 -6.69 -19.73 -14.23
N PHE A 173 -7.33 -18.63 -13.79
CA PHE A 173 -8.28 -18.72 -12.68
C PHE A 173 -9.73 -18.62 -13.15
N GLN A 174 -9.95 -18.72 -14.46
CA GLN A 174 -11.27 -18.51 -15.05
C GLN A 174 -12.35 -19.43 -14.46
N ASN A 175 -11.94 -20.55 -13.90
CA ASN A 175 -12.90 -21.55 -13.40
C ASN A 175 -12.92 -21.68 -11.87
N LEU A 176 -12.17 -20.84 -11.19
CA LEU A 176 -12.40 -20.60 -9.77
C LEU A 176 -13.76 -19.91 -9.58
N THR A 177 -14.44 -20.18 -8.46
CA THR A 177 -15.64 -19.44 -8.11
C THR A 177 -15.25 -18.02 -7.77
N LYS A 178 -16.24 -17.13 -7.76
CA LYS A 178 -15.98 -15.73 -7.41
C LYS A 178 -15.31 -15.65 -6.05
N LYS A 179 -15.84 -16.41 -5.09
CA LYS A 179 -15.29 -16.41 -3.73
C LYS A 179 -13.86 -16.97 -3.68
N GLN A 180 -13.61 -18.04 -4.42
CA GLN A 180 -12.26 -18.61 -4.50
C GLN A 180 -11.25 -17.60 -5.05
N ARG A 181 -11.64 -16.93 -6.13
CA ARG A 181 -10.82 -15.88 -6.73
CA ARG A 181 -10.82 -15.88 -6.73
C ARG A 181 -10.51 -14.77 -5.73
N GLN A 182 -11.54 -14.33 -5.01
CA GLN A 182 -11.37 -13.29 -4.01
C GLN A 182 -10.39 -13.73 -2.92
N SER A 183 -10.56 -14.97 -2.45
CA SER A 183 -9.70 -15.44 -1.37
C SER A 183 -8.27 -15.61 -1.89
N LEU A 184 -8.13 -16.23 -3.05
CA LEU A 184 -6.82 -16.43 -3.64
C LEU A 184 -6.15 -15.07 -3.88
N ARG A 185 -6.87 -14.11 -4.44
CA ARG A 185 -6.34 -12.77 -4.64
C ARG A 185 -5.81 -12.13 -3.35
N LYS A 186 -6.61 -12.16 -2.30
CA LYS A 186 -6.19 -11.64 -1.00
C LYS A 186 -4.91 -12.33 -0.49
N MET A 187 -4.87 -13.64 -0.56
CA MET A 187 -3.70 -14.39 -0.12
C MET A 187 -2.43 -14.07 -0.93
N VAL A 188 -2.57 -13.96 -2.25
CA VAL A 188 -1.40 -13.68 -3.07
C VAL A 188 -0.83 -12.28 -2.78
N ILE A 189 -1.71 -11.30 -2.62
CA ILE A 189 -1.32 -9.95 -2.28
C ILE A 189 -0.61 -9.95 -0.92
N ASP A 190 -1.20 -10.59 0.09
CA ASP A 190 -0.57 -10.67 1.40
C ASP A 190 0.82 -11.29 1.33
N ILE A 191 0.98 -12.31 0.50
CA ILE A 191 2.26 -13.01 0.39
C ILE A 191 3.30 -12.15 -0.33
N VAL A 192 2.94 -11.58 -1.46
CA VAL A 192 3.94 -10.83 -2.21
C VAL A 192 4.33 -9.54 -1.47
N LEU A 193 3.38 -8.89 -0.79
CA LEU A 193 3.75 -7.66 -0.08
C LEU A 193 4.70 -7.98 1.09
N ALA A 194 4.60 -9.18 1.63
CA ALA A 194 5.50 -9.62 2.69
C ALA A 194 6.94 -9.91 2.21
N THR A 195 7.19 -9.92 0.90
CA THR A 195 8.56 -10.07 0.40
C THR A 195 9.32 -8.74 0.38
N ASP A 196 8.63 -7.64 0.71
CA ASP A 196 9.28 -6.36 0.95
C ASP A 196 10.20 -6.47 2.17
N MET A 197 11.50 -6.29 1.96
CA MET A 197 12.49 -6.40 3.04
C MET A 197 12.20 -5.49 4.23
N SER A 198 11.52 -4.38 3.98
CA SER A 198 11.18 -3.44 5.04
C SER A 198 10.23 -4.07 6.05
N LYS A 199 9.68 -5.25 5.72
CA LYS A 199 8.75 -5.95 6.61
C LYS A 199 9.42 -7.14 7.29
N HIS A 200 10.67 -7.42 6.92
CA HIS A 200 11.39 -8.59 7.41
C HIS A 200 11.46 -8.69 8.94
N MET A 201 11.85 -7.60 9.60
CA MET A 201 11.93 -7.62 11.07
C MET A 201 10.58 -7.93 11.71
N ASN A 202 9.53 -7.31 11.21
CA ASN A 202 8.17 -7.58 11.72
C ASN A 202 7.69 -9.02 11.49
N LEU A 203 7.96 -9.53 10.29
CA LEU A 203 7.61 -10.88 9.92
C LEU A 203 8.31 -11.92 10.80
N LEU A 204 9.60 -11.71 11.05
CA LEU A 204 10.40 -12.64 11.83
C LEU A 204 9.91 -12.63 13.27
N ALA A 205 9.68 -11.44 13.80
CA ALA A 205 9.14 -11.30 15.16
C ALA A 205 7.89 -12.12 15.32
N ASP A 206 6.99 -11.99 14.36
CA ASP A 206 5.72 -12.72 14.39
C ASP A 206 5.90 -14.22 14.14
N LEU A 207 6.97 -14.58 13.43
CA LEU A 207 7.29 -15.99 13.24
C LEU A 207 7.80 -16.60 14.55
N LYS A 208 8.56 -15.81 15.31
CA LYS A 208 9.11 -16.27 16.57
C LYS A 208 7.99 -16.47 17.59
N THR A 209 7.02 -15.57 17.56
CA THR A 209 5.82 -15.71 18.39
C THR A 209 5.04 -16.96 18.03
N MET A 210 4.94 -17.24 16.73
CA MET A 210 4.28 -18.44 16.26
C MET A 210 4.98 -19.69 16.76
N VAL A 211 6.30 -19.69 16.68
CA VAL A 211 7.09 -20.83 17.17
C VAL A 211 6.87 -21.06 18.66
N GLU A 212 6.91 -19.97 19.42
CA GLU A 212 6.65 -20.02 20.87
C GLU A 212 5.28 -20.61 21.23
N THR A 213 4.26 -20.29 20.43
CA THR A 213 2.91 -20.79 20.70
C THR A 213 2.52 -22.00 19.83
N LYS A 214 3.54 -22.64 19.27
CA LYS A 214 3.39 -23.79 18.38
C LYS A 214 2.46 -24.87 18.95
N LYS A 215 1.51 -25.34 18.14
CA LYS A 215 0.69 -26.49 18.53
C LYS A 215 0.84 -27.60 17.52
N VAL A 216 1.15 -28.80 17.99
CA VAL A 216 1.33 -29.93 17.09
C VAL A 216 0.44 -31.08 17.53
N THR A 217 -0.05 -31.82 16.54
CA THR A 217 -0.73 -33.07 16.80
C THR A 217 0.28 -34.11 17.28
N SER A 218 -0.22 -35.31 17.57
CA SER A 218 0.63 -36.44 17.95
C SER A 218 1.78 -36.66 16.97
N SER A 219 1.47 -36.60 15.67
CA SER A 219 2.45 -36.86 14.63
C SER A 219 3.47 -35.74 14.47
N GLY A 220 3.28 -34.64 15.21
CA GLY A 220 4.17 -33.50 15.13
C GLY A 220 3.86 -32.61 13.93
N VAL A 221 2.59 -32.62 13.52
CA VAL A 221 2.11 -31.77 12.44
C VAL A 221 1.49 -30.50 13.02
N LEU A 222 1.88 -29.35 12.48
CA LEU A 222 1.42 -28.06 12.99
C LEU A 222 -0.09 -27.92 12.92
N LEU A 223 -0.64 -27.28 13.94
CA LEU A 223 -2.05 -26.95 13.94
C LEU A 223 -2.20 -25.44 13.80
N LEU A 224 -2.81 -25.01 12.69
CA LEU A 224 -3.09 -23.58 12.47
C LEU A 224 -4.61 -23.39 12.54
N ASP A 225 -5.04 -22.40 13.32
CA ASP A 225 -6.46 -22.28 13.67
C ASP A 225 -7.32 -21.37 12.78
N ASN A 226 -6.68 -20.49 12.02
CA ASN A 226 -7.41 -19.47 11.28
C ASN A 226 -6.57 -18.87 10.17
N TYR A 227 -7.17 -17.93 9.42
CA TYR A 227 -6.50 -17.28 8.31
C TYR A 227 -5.21 -16.60 8.73
N SER A 228 -5.25 -15.88 9.86
CA SER A 228 -4.06 -15.18 10.34
CA SER A 228 -4.06 -15.18 10.34
C SER A 228 -2.87 -16.12 10.49
N ASP A 229 -3.12 -17.29 11.09
CA ASP A 229 -2.06 -18.28 11.28
C ASP A 229 -1.54 -18.82 9.96
N ARG A 230 -2.46 -19.21 9.10
CA ARG A 230 -2.11 -19.87 7.84
C ARG A 230 -1.39 -18.89 6.93
N ILE A 231 -1.93 -17.68 6.79
CA ILE A 231 -1.32 -16.67 5.90
C ILE A 231 0.05 -16.28 6.43
N GLN A 232 0.19 -16.23 7.75
CA GLN A 232 1.45 -15.86 8.32
C GLN A 232 2.51 -16.92 8.02
N VAL A 233 2.13 -18.20 8.09
CA VAL A 233 3.07 -19.25 7.78
C VAL A 233 3.40 -19.24 6.29
N LEU A 234 2.41 -18.92 5.45
CA LEU A 234 2.65 -18.83 4.02
C LEU A 234 3.55 -17.64 3.68
N GLN A 235 3.28 -16.49 4.31
CA GLN A 235 4.14 -15.31 4.13
C GLN A 235 5.59 -15.59 4.46
N ASN A 236 5.83 -16.21 5.60
CA ASN A 236 7.19 -16.52 6.00
C ASN A 236 7.82 -17.58 5.15
N MET A 237 7.01 -18.55 4.70
CA MET A 237 7.51 -19.62 3.82
C MET A 237 8.07 -19.07 2.50
N VAL A 238 7.32 -18.19 1.86
CA VAL A 238 7.74 -17.65 0.57
C VAL A 238 8.92 -16.67 0.79
N HIS A 239 8.93 -15.99 1.93
CA HIS A 239 10.04 -15.12 2.33
C HIS A 239 11.32 -15.95 2.55
N CYS A 240 11.16 -17.12 3.19
CA CYS A 240 12.28 -18.05 3.31
C CYS A 240 12.78 -18.52 1.95
N ALA A 241 11.86 -18.86 1.05
CA ALA A 241 12.24 -19.30 -0.29
C ALA A 241 12.96 -18.18 -1.04
N ASP A 242 12.52 -16.94 -0.85
CA ASP A 242 13.12 -15.77 -1.49
C ASP A 242 14.53 -15.58 -0.97
N LEU A 243 14.73 -15.96 0.29
CA LEU A 243 16.00 -15.84 0.96
C LEU A 243 16.70 -17.19 1.12
N SER A 244 16.56 -18.08 0.15
CA SER A 244 17.04 -19.43 0.35
C SER A 244 18.41 -19.71 -0.30
N ASN A 245 18.94 -18.76 -1.07
CA ASN A 245 20.19 -19.00 -1.81
C ASN A 245 21.29 -19.56 -0.93
N PRO A 246 21.51 -18.96 0.24
CA PRO A 246 22.63 -19.41 1.05
C PRO A 246 22.42 -20.78 1.70
N THR A 247 21.22 -21.33 1.59
CA THR A 247 20.92 -22.64 2.19
C THR A 247 20.99 -23.73 1.14
N LYS A 248 21.32 -23.34 -0.08
CA LYS A 248 21.37 -24.28 -1.18
C LYS A 248 22.76 -24.94 -1.29
N PRO A 249 22.86 -26.04 -2.05
CA PRO A 249 24.18 -26.60 -2.41
C PRO A 249 25.11 -25.50 -2.89
N LEU A 250 26.35 -25.53 -2.40
CA LEU A 250 27.29 -24.42 -2.56
C LEU A 250 27.42 -23.92 -3.99
N GLN A 251 27.44 -24.82 -4.95
CA GLN A 251 27.66 -24.41 -6.33
C GLN A 251 26.52 -23.52 -6.83
N LEU A 252 25.31 -23.80 -6.36
CA LEU A 252 24.16 -22.95 -6.68
C LEU A 252 24.32 -21.60 -6.04
N TYR A 253 24.61 -21.63 -4.74
CA TYR A 253 24.79 -20.43 -3.93
C TYR A 253 25.86 -19.52 -4.53
N ARG A 254 26.98 -20.11 -4.97
CA ARG A 254 28.06 -19.32 -5.52
C ARG A 254 27.58 -18.56 -6.75
N GLN A 255 26.80 -19.22 -7.59
CA GLN A 255 26.30 -18.51 -8.76
C GLN A 255 25.28 -17.43 -8.38
N TRP A 256 24.41 -17.71 -7.42
CA TRP A 256 23.43 -16.71 -6.98
C TRP A 256 24.17 -15.46 -6.49
N THR A 257 25.25 -15.68 -5.75
CA THR A 257 26.06 -14.59 -5.23
C THR A 257 26.70 -13.77 -6.34
N ASP A 258 27.21 -14.46 -7.35
CA ASP A 258 27.75 -13.78 -8.53
C ASP A 258 26.70 -12.89 -9.21
N ARG A 259 25.47 -13.39 -9.29
CA ARG A 259 24.42 -12.70 -10.02
C ARG A 259 23.93 -11.46 -9.29
N ILE A 260 23.76 -11.55 -7.97
CA ILE A 260 23.27 -10.41 -7.20
C ILE A 260 24.33 -9.32 -7.10
N MET A 261 25.59 -9.72 -7.09
CA MET A 261 26.66 -8.71 -7.09
C MET A 261 26.72 -7.97 -8.42
N GLU A 262 26.53 -8.71 -9.51
CA GLU A 262 26.45 -8.10 -10.83
C GLU A 262 25.28 -7.11 -10.90
N GLU A 263 24.12 -7.54 -10.43
CA GLU A 263 22.96 -6.65 -10.44
C GLU A 263 23.23 -5.47 -9.52
N PHE A 264 23.74 -5.72 -8.31
CA PHE A 264 24.02 -4.62 -7.39
C PHE A 264 25.04 -3.63 -7.96
N PHE A 265 26.10 -4.14 -8.56
CA PHE A 265 27.14 -3.24 -9.05
C PHE A 265 26.60 -2.36 -10.16
N ARG A 266 25.65 -2.89 -10.95
CA ARG A 266 25.03 -2.10 -12.01
C ARG A 266 24.20 -0.96 -11.41
N GLN A 267 23.52 -1.21 -10.29
CA GLN A 267 22.83 -0.12 -9.60
C GLN A 267 23.81 0.93 -9.10
N GLY A 268 24.87 0.48 -8.44
CA GLY A 268 25.92 1.38 -7.99
C GLY A 268 26.49 2.23 -9.12
N ASP A 269 26.66 1.64 -10.30
CA ASP A 269 27.14 2.38 -11.47
C ASP A 269 26.15 3.48 -11.84
N ARG A 270 24.85 3.19 -11.74
CA ARG A 270 23.84 4.20 -12.05
C ARG A 270 23.87 5.31 -11.01
N GLU A 271 24.07 4.94 -9.75
CA GLU A 271 24.14 5.91 -8.66
C GLU A 271 25.36 6.81 -8.84
N ARG A 272 26.50 6.19 -9.16
CA ARG A 272 27.76 6.91 -9.29
C ARG A 272 27.62 7.90 -10.43
N GLU A 273 27.00 7.44 -11.50
CA GLU A 273 26.85 8.23 -12.71
C GLU A 273 26.02 9.49 -12.46
N ARG A 274 25.10 9.42 -11.50
CA ARG A 274 24.21 10.54 -11.19
C ARG A 274 24.65 11.28 -9.94
N GLY A 275 25.90 11.07 -9.54
CA GLY A 275 26.47 11.76 -8.39
C GLY A 275 25.77 11.43 -7.08
N MET A 276 25.15 10.26 -7.01
CA MET A 276 24.46 9.84 -5.80
C MET A 276 25.41 9.07 -4.88
N GLU A 277 25.11 9.09 -3.59
CA GLU A 277 25.77 8.23 -2.64
C GLU A 277 25.58 6.79 -3.13
N ILE A 278 26.64 6.00 -3.18
CA ILE A 278 26.47 4.65 -3.70
C ILE A 278 25.91 3.77 -2.59
N SER A 279 24.93 2.92 -2.91
CA SER A 279 24.25 2.14 -1.89
C SER A 279 25.16 1.06 -1.33
N PRO A 280 24.87 0.63 -0.09
CA PRO A 280 25.65 -0.44 0.55
C PRO A 280 25.77 -1.66 -0.36
N MET A 281 27.01 -2.09 -0.61
CA MET A 281 27.31 -3.31 -1.38
C MET A 281 27.09 -3.14 -2.88
N CYS A 282 26.88 -1.90 -3.34
CA CYS A 282 26.70 -1.66 -4.77
C CYS A 282 27.91 -0.97 -5.41
N ASP A 283 29.00 -0.81 -4.66
CA ASP A 283 30.21 -0.15 -5.19
C ASP A 283 31.23 -1.19 -5.62
N LYS A 284 31.31 -1.44 -6.92
CA LYS A 284 32.24 -2.45 -7.44
C LYS A 284 33.69 -2.09 -7.15
N HIS A 285 33.96 -0.81 -6.91
CA HIS A 285 35.32 -0.34 -6.63
C HIS A 285 35.72 -0.61 -5.18
N ASN A 286 34.71 -0.77 -4.32
CA ASN A 286 34.96 -0.98 -2.90
C ASN A 286 34.03 -2.03 -2.34
N ALA A 287 34.20 -3.26 -2.79
CA ALA A 287 33.30 -4.33 -2.37
C ALA A 287 34.06 -5.42 -1.64
N SER A 288 33.32 -6.10 -0.79
CA SER A 288 33.84 -7.24 -0.07
C SER A 288 32.78 -8.29 -0.19
N VAL A 289 32.74 -8.94 -1.35
CA VAL A 289 31.68 -9.89 -1.68
C VAL A 289 31.54 -11.00 -0.65
N GLU A 290 32.67 -11.56 -0.22
CA GLU A 290 32.64 -12.70 0.69
C GLU A 290 32.20 -12.25 2.07
N LYS A 291 32.79 -11.15 2.54
CA LYS A 291 32.42 -10.59 3.84
C LYS A 291 30.93 -10.22 3.85
N SER A 292 30.43 -9.72 2.73
CA SER A 292 29.05 -9.28 2.63
C SER A 292 28.09 -10.46 2.69
N GLN A 293 28.49 -11.60 2.13
CA GLN A 293 27.67 -12.80 2.20
C GLN A 293 27.61 -13.31 3.65
N VAL A 294 28.73 -13.21 4.37
CA VAL A 294 28.74 -13.67 5.75
C VAL A 294 27.82 -12.80 6.63
N GLY A 295 27.89 -11.49 6.48
CA GLY A 295 26.99 -10.59 7.19
C GLY A 295 25.52 -10.82 6.85
N PHE A 296 25.27 -11.10 5.58
CA PHE A 296 23.93 -11.41 5.07
C PHE A 296 23.38 -12.63 5.82
N ILE A 297 24.20 -13.66 5.93
CA ILE A 297 23.82 -14.87 6.63
C ILE A 297 23.62 -14.64 8.13
N ASP A 298 24.63 -14.02 8.75
CA ASP A 298 24.59 -13.73 10.19
C ASP A 298 23.40 -12.85 10.61
N TYR A 299 23.07 -11.84 9.81
CA TYR A 299 22.08 -10.88 10.28
C TYR A 299 20.69 -11.04 9.69
N ILE A 300 20.59 -11.73 8.56
CA ILE A 300 19.31 -11.92 7.90
C ILE A 300 18.91 -13.39 7.76
N VAL A 301 19.71 -14.16 7.02
CA VAL A 301 19.32 -15.49 6.59
C VAL A 301 19.30 -16.55 7.72
N HIS A 302 20.29 -16.51 8.60
CA HIS A 302 20.33 -17.54 9.63
C HIS A 302 19.26 -17.31 10.68
N PRO A 303 19.10 -16.06 11.15
CA PRO A 303 18.01 -15.74 12.08
C PRO A 303 16.65 -16.24 11.59
N LEU A 304 16.34 -15.95 10.32
CA LEU A 304 15.07 -16.38 9.74
C LEU A 304 14.95 -17.89 9.69
N TRP A 305 15.95 -18.55 9.13
CA TRP A 305 15.89 -19.96 8.84
C TRP A 305 15.99 -20.80 10.11
N GLU A 306 16.71 -20.28 11.09
CA GLU A 306 16.79 -20.95 12.38
C GLU A 306 15.38 -20.97 13.01
N THR A 307 14.65 -19.87 12.84
CA THR A 307 13.29 -19.76 13.35
C THR A 307 12.30 -20.65 12.56
N TRP A 308 12.44 -20.68 11.24
CA TRP A 308 11.67 -21.62 10.41
C TRP A 308 11.95 -23.07 10.78
N ALA A 309 13.24 -23.41 10.86
CA ALA A 309 13.64 -24.72 11.34
C ALA A 309 12.96 -25.07 12.68
N ASP A 310 12.84 -24.07 13.56
CA ASP A 310 12.15 -24.24 14.84
C ASP A 310 10.68 -24.61 14.62
N LEU A 311 10.03 -23.86 13.75
CA LEU A 311 8.61 -24.08 13.47
C LEU A 311 8.34 -25.49 12.94
N VAL A 312 9.21 -26.00 12.08
CA VAL A 312 8.94 -27.27 11.43
C VAL A 312 9.87 -28.38 11.89
N HIS A 313 10.50 -28.18 13.05
CA HIS A 313 11.49 -29.11 13.58
C HIS A 313 11.06 -30.58 13.50
N PRO A 314 11.97 -31.47 13.07
CA PRO A 314 13.33 -31.21 12.59
C PRO A 314 13.42 -31.23 11.07
N ASP A 315 12.30 -30.89 10.41
CA ASP A 315 12.17 -31.02 8.97
C ASP A 315 13.24 -30.24 8.19
N ALA A 316 13.74 -29.15 8.76
CA ALA A 316 14.64 -28.25 8.03
C ALA A 316 16.10 -28.35 8.51
N GLN A 317 16.43 -29.41 9.23
CA GLN A 317 17.75 -29.55 9.81
C GLN A 317 18.89 -29.53 8.78
N ASP A 318 18.73 -30.22 7.66
CA ASP A 318 19.81 -30.28 6.66
C ASP A 318 20.04 -28.91 6.03
N ILE A 319 18.98 -28.11 5.96
CA ILE A 319 19.05 -26.79 5.35
C ILE A 319 19.86 -25.89 6.26
N LEU A 320 19.61 -26.00 7.56
CA LEU A 320 20.35 -25.23 8.55
C LEU A 320 21.82 -25.63 8.54
N ASP A 321 22.08 -26.93 8.38
CA ASP A 321 23.45 -27.44 8.35
C ASP A 321 24.23 -26.95 7.12
N THR A 322 23.55 -26.91 5.97
CA THR A 322 24.15 -26.42 4.74
C THR A 322 24.44 -24.92 4.83
N LEU A 323 23.47 -24.19 5.38
CA LEU A 323 23.65 -22.77 5.63
C LEU A 323 24.93 -22.52 6.42
N GLU A 324 25.20 -23.36 7.41
CA GLU A 324 26.38 -23.18 8.24
C GLU A 324 27.65 -23.55 7.46
N ASP A 325 27.57 -24.58 6.63
CA ASP A 325 28.70 -24.96 5.78
C ASP A 325 28.98 -23.88 4.75
N ASN A 326 27.92 -23.29 4.20
CA ASN A 326 28.09 -22.22 3.22
C ASN A 326 28.62 -20.94 3.84
N ARG A 327 28.20 -20.63 5.06
CA ARG A 327 28.75 -19.46 5.76
C ARG A 327 30.27 -19.59 5.88
N GLU A 328 30.72 -20.81 6.15
CA GLU A 328 32.14 -21.11 6.33
C GLU A 328 32.94 -21.01 5.04
N TRP A 329 32.34 -21.43 3.94
CA TRP A 329 32.96 -21.22 2.65
C TRP A 329 33.32 -19.75 2.43
N TYR A 330 32.34 -18.86 2.51
CA TYR A 330 32.61 -17.45 2.26
C TYR A 330 33.54 -16.83 3.29
N GLN A 331 33.39 -17.25 4.54
CA GLN A 331 34.35 -16.89 5.59
C GLN A 331 35.78 -17.20 5.17
N SER A 332 35.99 -18.43 4.69
CA SER A 332 37.32 -18.91 4.37
CA SER A 332 37.33 -18.92 4.36
C SER A 332 37.88 -18.29 3.09
N THR A 333 37.06 -17.52 2.39
CA THR A 333 37.51 -16.89 1.16
C THR A 333 37.53 -15.36 1.22
N ILE A 334 37.40 -14.80 2.41
CA ILE A 334 37.68 -13.38 2.58
C ILE A 334 39.18 -13.20 2.40
N PRO A 335 39.61 -12.27 1.53
CA PRO A 335 41.05 -12.02 1.39
C PRO A 335 41.69 -11.51 2.67
N ASP B 14 -14.59 42.12 -4.01
CA ASP B 14 -16.01 42.52 -4.04
C ASP B 14 -16.81 41.82 -2.96
N VAL B 15 -17.88 41.14 -3.35
CA VAL B 15 -18.65 40.32 -2.43
C VAL B 15 -17.82 39.10 -2.03
N LEU B 16 -17.04 38.60 -2.97
CA LEU B 16 -16.16 37.46 -2.72
C LEU B 16 -15.13 37.79 -1.64
N ALA B 17 -14.53 38.97 -1.76
CA ALA B 17 -13.59 39.43 -0.75
C ALA B 17 -14.26 39.53 0.62
N LYS B 18 -15.55 39.86 0.62
CA LYS B 18 -16.28 39.96 1.88
C LYS B 18 -16.53 38.58 2.48
N GLU B 19 -16.85 37.61 1.65
CA GLU B 19 -17.09 36.25 2.12
C GLU B 19 -15.79 35.64 2.62
N LEU B 20 -14.69 36.02 1.99
CA LEU B 20 -13.39 35.46 2.35
C LEU B 20 -12.83 36.07 3.61
N GLU B 21 -13.55 37.03 4.18
CA GLU B 21 -13.17 37.60 5.47
C GLU B 21 -13.38 36.56 6.57
N ASP B 22 -14.22 35.57 6.28
CA ASP B 22 -14.55 34.54 7.25
C ASP B 22 -13.67 33.31 7.11
N VAL B 23 -12.58 33.43 6.34
CA VAL B 23 -11.76 32.27 6.00
C VAL B 23 -11.12 31.64 7.23
N ASN B 24 -11.01 32.39 8.32
CA ASN B 24 -10.42 31.85 9.56
C ASN B 24 -11.45 31.33 10.54
N LYS B 25 -12.71 31.27 10.10
CA LYS B 25 -13.79 30.85 10.97
C LYS B 25 -14.44 29.55 10.48
N TRP B 26 -14.82 28.70 11.42
CA TRP B 26 -15.61 27.51 11.14
C TRP B 26 -16.94 27.90 10.50
N GLY B 27 -17.35 27.21 9.43
CA GLY B 27 -18.63 27.52 8.81
C GLY B 27 -18.57 28.58 7.71
N LEU B 28 -17.38 28.82 7.18
CA LEU B 28 -17.23 29.59 5.94
C LEU B 28 -18.28 29.15 4.91
N HIS B 29 -18.97 30.08 4.25
CA HIS B 29 -19.95 29.61 3.25
CA HIS B 29 -19.95 29.72 3.23
C HIS B 29 -19.23 29.28 1.95
N VAL B 30 -18.65 28.09 1.95
CA VAL B 30 -17.86 27.65 0.81
C VAL B 30 -18.67 27.54 -0.50
N PHE B 31 -19.96 27.23 -0.42
CA PHE B 31 -20.77 27.12 -1.63
C PHE B 31 -20.91 28.50 -2.28
N ARG B 32 -21.02 29.53 -1.44
CA ARG B 32 -21.12 30.90 -1.92
C ARG B 32 -19.82 31.31 -2.61
N ILE B 33 -18.70 30.95 -2.02
CA ILE B 33 -17.40 31.23 -2.61
C ILE B 33 -17.22 30.50 -3.94
N ALA B 34 -17.79 29.30 -4.06
CA ALA B 34 -17.74 28.56 -5.32
C ALA B 34 -18.46 29.34 -6.41
N GLU B 35 -19.68 29.76 -6.10
CA GLU B 35 -20.51 30.54 -7.02
C GLU B 35 -19.83 31.82 -7.47
N LEU B 36 -19.29 32.56 -6.51
CA LEU B 36 -18.74 33.89 -6.74
C LEU B 36 -17.36 33.88 -7.39
N SER B 37 -16.68 32.73 -7.38
CA SER B 37 -15.32 32.65 -7.91
C SER B 37 -15.30 32.01 -9.28
N GLY B 38 -16.48 31.73 -9.82
CA GLY B 38 -16.56 31.08 -11.12
C GLY B 38 -16.23 29.61 -10.98
N ASN B 39 -16.73 29.01 -9.89
CA ASN B 39 -16.47 27.62 -9.52
C ASN B 39 -14.98 27.34 -9.32
N ARG B 40 -14.28 28.28 -8.69
CA ARG B 40 -12.88 28.07 -8.34
C ARG B 40 -12.66 28.15 -6.83
N PRO B 41 -13.48 27.47 -6.04
CA PRO B 41 -13.32 27.63 -4.59
C PRO B 41 -11.97 27.11 -4.08
N LEU B 42 -11.47 26.02 -4.65
CA LEU B 42 -10.21 25.46 -4.17
C LEU B 42 -9.09 26.46 -4.42
N THR B 43 -9.05 27.01 -5.64
CA THR B 43 -8.00 27.95 -6.01
C THR B 43 -8.03 29.20 -5.12
N VAL B 44 -9.19 29.82 -4.98
CA VAL B 44 -9.21 31.08 -4.24
C VAL B 44 -9.00 30.85 -2.74
N ILE B 45 -9.52 29.78 -2.19
CA ILE B 45 -9.32 29.51 -0.77
C ILE B 45 -7.87 29.12 -0.47
N MET B 46 -7.27 28.27 -1.29
CA MET B 46 -5.85 27.95 -1.10
C MET B 46 -4.98 29.20 -1.20
N HIS B 47 -5.23 30.03 -2.21
CA HIS B 47 -4.46 31.26 -2.39
C HIS B 47 -4.59 32.15 -1.16
N THR B 48 -5.83 32.37 -0.73
CA THR B 48 -6.10 33.17 0.45
C THR B 48 -5.38 32.66 1.68
N ILE B 49 -5.36 31.33 1.86
CA ILE B 49 -4.76 30.77 3.06
C ILE B 49 -3.24 30.82 3.00
N PHE B 50 -2.69 30.60 1.82
CA PHE B 50 -1.24 30.72 1.64
C PHE B 50 -0.76 32.14 1.92
N GLN B 51 -1.54 33.14 1.51
CA GLN B 51 -1.20 34.54 1.81
C GLN B 51 -1.29 34.77 3.32
N GLU B 52 -2.40 34.33 3.89
CA GLU B 52 -2.70 34.49 5.31
C GLU B 52 -1.58 33.96 6.20
N ARG B 53 -1.07 32.79 5.87
CA ARG B 53 -0.05 32.13 6.68
C ARG B 53 1.36 32.47 6.21
N ASP B 54 1.44 33.35 5.21
CA ASP B 54 2.71 33.84 4.67
C ASP B 54 3.53 32.70 4.09
N LEU B 55 2.85 31.75 3.47
CA LEU B 55 3.51 30.54 2.97
C LEU B 55 4.37 30.82 1.73
N LEU B 56 3.91 31.72 0.86
CA LEU B 56 4.66 32.07 -0.33
C LEU B 56 6.03 32.63 0.03
N LYS B 57 6.07 33.56 0.99
CA LYS B 57 7.32 34.13 1.44
C LYS B 57 8.18 33.07 2.12
N THR B 58 7.57 32.29 3.01
CA THR B 58 8.34 31.34 3.80
C THR B 58 9.01 30.29 2.91
N PHE B 59 8.37 29.97 1.80
CA PHE B 59 8.84 28.85 0.98
C PHE B 59 9.16 29.28 -0.44
N LYS B 60 9.32 30.59 -0.62
CA LYS B 60 9.75 31.17 -1.90
C LYS B 60 8.92 30.60 -3.04
N ILE B 61 7.61 30.53 -2.83
CA ILE B 61 6.71 30.04 -3.85
C ILE B 61 6.24 31.19 -4.72
N PRO B 62 6.54 31.12 -6.03
CA PRO B 62 6.05 32.11 -6.98
C PRO B 62 4.54 32.05 -7.07
N VAL B 63 3.89 33.21 -6.99
CA VAL B 63 2.44 33.27 -6.94
C VAL B 63 1.82 32.78 -8.25
N ASP B 64 2.55 32.94 -9.36
CA ASP B 64 2.04 32.52 -10.66
C ASP B 64 2.07 30.99 -10.76
N THR B 65 3.11 30.41 -10.15
CA THR B 65 3.26 28.97 -9.99
C THR B 65 2.14 28.37 -9.12
N LEU B 66 1.97 28.93 -7.93
CA LEU B 66 0.93 28.50 -7.01
C LEU B 66 -0.42 28.46 -7.69
N ILE B 67 -0.81 29.59 -8.28
CA ILE B 67 -2.08 29.66 -8.99
C ILE B 67 -2.17 28.69 -10.15
N THR B 68 -1.06 28.53 -10.89
CA THR B 68 -1.09 27.58 -11.99
C THR B 68 -1.31 26.16 -11.48
N TYR B 69 -0.59 25.80 -10.42
CA TYR B 69 -0.79 24.48 -9.84
C TYR B 69 -2.22 24.31 -9.33
N LEU B 70 -2.76 25.34 -8.66
CA LEU B 70 -4.06 25.19 -8.03
C LEU B 70 -5.16 25.02 -9.05
N MET B 71 -5.08 25.77 -10.14
CA MET B 71 -6.12 25.68 -11.16
CA MET B 71 -6.09 25.68 -11.19
C MET B 71 -6.08 24.32 -11.85
N THR B 72 -4.88 23.78 -12.06
CA THR B 72 -4.72 22.44 -12.62
C THR B 72 -5.26 21.36 -11.68
N LEU B 73 -4.92 21.51 -10.40
CA LEU B 73 -5.44 20.63 -9.35
C LEU B 73 -6.95 20.67 -9.35
N GLU B 74 -7.51 21.88 -9.30
CA GLU B 74 -8.96 22.06 -9.26
C GLU B 74 -9.64 21.48 -10.49
N ASP B 75 -9.01 21.65 -11.66
CA ASP B 75 -9.47 21.00 -12.89
C ASP B 75 -9.47 19.49 -12.79
N HIS B 76 -8.71 18.93 -11.85
CA HIS B 76 -8.64 17.49 -11.80
C HIS B 76 -9.60 16.91 -10.77
N TYR B 77 -10.32 17.78 -10.04
CA TYR B 77 -11.55 17.36 -9.39
C TYR B 77 -12.67 17.31 -10.42
N HIS B 78 -13.56 16.33 -10.30
CA HIS B 78 -14.56 16.14 -11.34
C HIS B 78 -15.83 16.93 -11.11
N ALA B 79 -16.27 17.61 -12.18
CA ALA B 79 -17.41 18.50 -12.13
C ALA B 79 -18.71 17.74 -11.90
N ASP B 80 -18.79 16.55 -12.48
CA ASP B 80 -20.01 15.75 -12.44
C ASP B 80 -20.06 14.79 -11.26
N VAL B 81 -19.18 14.97 -10.29
CA VAL B 81 -19.23 14.17 -9.06
C VAL B 81 -19.82 15.07 -7.98
N ALA B 82 -20.94 14.63 -7.41
CA ALA B 82 -21.78 15.53 -6.61
C ALA B 82 -21.15 15.94 -5.28
N TYR B 83 -20.42 15.02 -4.66
CA TYR B 83 -19.79 15.32 -3.37
C TYR B 83 -18.29 15.47 -3.50
N HIS B 84 -17.63 14.43 -4.04
CA HIS B 84 -16.18 14.44 -4.07
C HIS B 84 -15.63 15.28 -5.20
N ASN B 85 -15.84 16.59 -5.09
CA ASN B 85 -15.42 17.52 -6.11
C ASN B 85 -14.59 18.63 -5.48
N ASN B 86 -14.36 19.69 -6.25
CA ASN B 86 -13.52 20.79 -5.79
C ASN B 86 -14.09 21.56 -4.61
N ILE B 87 -15.39 21.56 -4.43
CA ILE B 87 -15.96 22.28 -3.30
C ILE B 87 -15.62 21.52 -2.01
N HIS B 88 -15.71 20.19 -2.06
CA HIS B 88 -15.31 19.38 -0.91
C HIS B 88 -13.82 19.57 -0.59
N ALA B 89 -12.98 19.59 -1.62
CA ALA B 89 -11.56 19.84 -1.43
C ALA B 89 -11.32 21.18 -0.73
N ALA B 90 -11.93 22.24 -1.25
CA ALA B 90 -11.79 23.56 -0.66
C ALA B 90 -12.28 23.56 0.79
N ASP B 91 -13.36 22.84 1.05
CA ASP B 91 -13.96 22.80 2.40
C ASP B 91 -13.02 22.12 3.41
N VAL B 92 -12.40 21.01 3.01
CA VAL B 92 -11.45 20.32 3.89
C VAL B 92 -10.17 21.14 4.10
N VAL B 93 -9.65 21.74 3.03
CA VAL B 93 -8.58 22.73 3.16
C VAL B 93 -8.93 23.80 4.18
N GLN B 94 -10.09 24.41 4.05
CA GLN B 94 -10.40 25.52 4.94
C GLN B 94 -10.60 25.06 6.38
N SER B 95 -11.22 23.89 6.55
CA SER B 95 -11.44 23.35 7.89
C SER B 95 -10.11 22.98 8.56
N THR B 96 -9.24 22.33 7.81
CA THR B 96 -7.90 22.02 8.31
C THR B 96 -7.23 23.32 8.75
N HIS B 97 -7.38 24.34 7.91
CA HIS B 97 -6.77 25.64 8.20
C HIS B 97 -7.26 26.20 9.55
N VAL B 98 -8.56 26.06 9.81
CA VAL B 98 -9.07 26.52 11.10
C VAL B 98 -8.52 25.65 12.24
N LEU B 99 -8.55 24.34 12.06
CA LEU B 99 -8.13 23.44 13.14
C LEU B 99 -6.65 23.65 13.48
N LEU B 100 -5.85 24.00 12.50
CA LEU B 100 -4.41 24.18 12.74
C LEU B 100 -4.18 25.34 13.71
N SER B 101 -5.06 26.33 13.66
CA SER B 101 -4.92 27.50 14.51
C SER B 101 -5.61 27.36 15.86
N THR B 102 -6.05 26.15 16.21
CA THR B 102 -6.65 25.91 17.53
C THR B 102 -5.61 26.23 18.62
N PRO B 103 -6.04 26.95 19.68
CA PRO B 103 -5.14 27.43 20.73
C PRO B 103 -4.27 26.33 21.36
N ALA B 104 -4.83 25.15 21.56
CA ALA B 104 -4.10 24.05 22.18
C ALA B 104 -2.90 23.60 21.33
N LEU B 105 -2.84 24.07 20.09
CA LEU B 105 -1.79 23.66 19.17
C LEU B 105 -0.88 24.81 18.76
N GLU B 106 -1.01 25.95 19.44
CA GLU B 106 -0.26 27.15 19.09
C GLU B 106 1.25 26.90 19.12
N ALA B 107 1.92 27.32 18.05
CA ALA B 107 3.36 27.13 17.88
C ALA B 107 3.85 25.70 18.11
N VAL B 108 2.99 24.71 17.86
CA VAL B 108 3.41 23.32 17.96
C VAL B 108 4.04 22.83 16.64
N PHE B 109 3.45 23.21 15.52
CA PHE B 109 3.82 22.69 14.22
C PHE B 109 4.72 23.64 13.44
N THR B 110 5.69 23.09 12.71
CA THR B 110 6.55 23.90 11.85
C THR B 110 5.76 24.39 10.64
N ASP B 111 6.28 25.39 9.93
CA ASP B 111 5.60 25.88 8.74
C ASP B 111 5.51 24.80 7.68
N LEU B 112 6.52 23.93 7.66
CA LEU B 112 6.55 22.81 6.72
C LEU B 112 5.42 21.81 7.01
N GLU B 113 5.21 21.54 8.30
CA GLU B 113 4.16 20.63 8.73
C GLU B 113 2.80 21.26 8.43
N ILE B 114 2.71 22.57 8.62
CA ILE B 114 1.51 23.33 8.27
C ILE B 114 1.27 23.25 6.76
N LEU B 115 2.32 23.44 5.98
CA LEU B 115 2.23 23.31 4.53
C LEU B 115 1.78 21.91 4.15
N ALA B 116 2.33 20.91 4.82
CA ALA B 116 1.99 19.52 4.52
C ALA B 116 0.50 19.23 4.76
N ALA B 117 -0.04 19.66 5.91
CA ALA B 117 -1.44 19.42 6.25
C ALA B 117 -2.40 20.08 5.26
N ILE B 118 -2.10 21.32 4.92
CA ILE B 118 -2.93 22.08 4.00
C ILE B 118 -2.84 21.51 2.58
N PHE B 119 -1.63 21.20 2.13
CA PHE B 119 -1.45 20.62 0.80
C PHE B 119 -2.13 19.24 0.72
N ALA B 120 -1.93 18.44 1.75
CA ALA B 120 -2.61 17.15 1.86
C ALA B 120 -4.13 17.32 1.71
N SER B 121 -4.68 18.31 2.40
CA SER B 121 -6.14 18.51 2.35
C SER B 121 -6.57 18.86 0.94
N ALA B 122 -5.79 19.70 0.26
CA ALA B 122 -6.16 20.14 -1.09
C ALA B 122 -6.17 19.00 -2.09
N ILE B 123 -5.20 18.09 -1.98
CA ILE B 123 -5.13 17.01 -2.98
C ILE B 123 -5.86 15.73 -2.56
N HIS B 124 -6.41 15.71 -1.35
CA HIS B 124 -6.72 14.44 -0.70
C HIS B 124 -7.79 13.60 -1.40
N ASP B 125 -8.58 14.22 -2.28
CA ASP B 125 -9.59 13.49 -3.07
C ASP B 125 -9.51 13.77 -4.55
N VAL B 126 -8.35 14.16 -5.06
CA VAL B 126 -8.30 14.59 -6.46
C VAL B 126 -8.55 13.42 -7.43
N ASP B 127 -9.24 13.71 -8.54
CA ASP B 127 -9.63 12.73 -9.55
C ASP B 127 -10.54 11.64 -8.97
N HIS B 128 -11.34 12.01 -7.99
CA HIS B 128 -12.26 11.06 -7.40
C HIS B 128 -13.35 10.71 -8.40
N PRO B 129 -13.58 9.41 -8.62
CA PRO B 129 -14.56 8.98 -9.63
C PRO B 129 -16.00 8.94 -9.11
N GLY B 130 -16.20 9.26 -7.83
CA GLY B 130 -17.54 9.25 -7.26
C GLY B 130 -18.08 7.89 -6.83
N VAL B 131 -17.18 6.92 -6.69
CA VAL B 131 -17.59 5.62 -6.18
C VAL B 131 -16.58 5.19 -5.12
N SER B 132 -16.96 4.23 -4.28
CA SER B 132 -16.10 3.85 -3.15
C SER B 132 -14.97 2.89 -3.52
N ASN B 133 -13.99 2.78 -2.63
CA ASN B 133 -12.96 1.78 -2.73
C ASN B 133 -13.57 0.40 -2.94
N GLN B 134 -14.58 0.07 -2.15
CA GLN B 134 -15.17 -1.25 -2.22
C GLN B 134 -15.80 -1.50 -3.59
N PHE B 135 -16.48 -0.49 -4.13
CA PHE B 135 -17.05 -0.62 -5.46
C PHE B 135 -15.94 -0.92 -6.47
N LEU B 136 -14.83 -0.19 -6.38
CA LEU B 136 -13.73 -0.39 -7.31
C LEU B 136 -13.11 -1.77 -7.17
N ILE B 137 -13.05 -2.26 -5.95
CA ILE B 137 -12.54 -3.60 -5.70
C ILE B 137 -13.51 -4.63 -6.26
N ASN B 138 -14.80 -4.45 -6.00
CA ASN B 138 -15.84 -5.40 -6.39
C ASN B 138 -16.09 -5.48 -7.91
N THR B 139 -15.84 -4.39 -8.64
CA THR B 139 -15.99 -4.37 -10.09
C THR B 139 -14.67 -4.58 -10.84
N ASN B 140 -13.64 -5.03 -10.13
CA ASN B 140 -12.34 -5.33 -10.73
C ASN B 140 -11.78 -4.19 -11.58
N SER B 141 -11.94 -2.97 -11.09
CA SER B 141 -11.45 -1.79 -11.78
C SER B 141 -9.93 -1.82 -11.97
N GLU B 142 -9.44 -1.04 -12.93
CA GLU B 142 -8.01 -0.90 -13.17
C GLU B 142 -7.34 -0.27 -11.97
N LEU B 143 -8.10 0.57 -11.25
CA LEU B 143 -7.52 1.24 -10.08
C LEU B 143 -7.26 0.22 -8.97
N ALA B 144 -8.21 -0.68 -8.74
CA ALA B 144 -8.05 -1.68 -7.70
C ALA B 144 -6.95 -2.69 -8.09
N LEU B 145 -6.88 -3.02 -9.39
CA LEU B 145 -5.80 -3.84 -9.93
C LEU B 145 -4.41 -3.21 -9.72
N MET B 146 -4.31 -1.92 -10.02
CA MET B 146 -3.05 -1.21 -9.85
CA MET B 146 -3.05 -1.21 -9.85
C MET B 146 -2.63 -1.17 -8.39
N TYR B 147 -3.59 -0.93 -7.50
CA TYR B 147 -3.24 -0.76 -6.09
C TYR B 147 -3.53 -1.95 -5.18
N ASN B 148 -3.76 -3.14 -5.75
CA ASN B 148 -3.87 -4.36 -4.96
C ASN B 148 -4.90 -4.25 -3.83
N ASP B 149 -6.04 -3.64 -4.17
CA ASP B 149 -7.18 -3.50 -3.28
C ASP B 149 -6.91 -2.73 -1.97
N SER B 150 -5.77 -2.06 -1.85
CA SER B 150 -5.39 -1.40 -0.59
C SER B 150 -5.40 0.12 -0.70
N SER B 151 -6.21 0.79 0.12
CA SER B 151 -6.39 2.24 0.01
C SER B 151 -6.42 2.71 -1.45
N VAL B 152 -7.28 2.09 -2.26
CA VAL B 152 -7.20 2.24 -3.71
C VAL B 152 -7.26 3.71 -4.12
N LEU B 153 -8.31 4.42 -3.70
CA LEU B 153 -8.42 5.81 -4.14
C LEU B 153 -7.42 6.73 -3.46
N GLU B 154 -7.10 6.46 -2.19
CA GLU B 154 -6.21 7.34 -1.45
C GLU B 154 -4.79 7.31 -2.02
N ASN B 155 -4.31 6.13 -2.38
CA ASN B 155 -3.05 6.06 -3.13
C ASN B 155 -3.13 6.85 -4.43
N HIS B 156 -4.24 6.69 -5.13
CA HIS B 156 -4.45 7.38 -6.40
C HIS B 156 -4.44 8.90 -6.25
N HIS B 157 -5.14 9.40 -5.22
CA HIS B 157 -5.18 10.84 -4.95
C HIS B 157 -3.78 11.41 -4.77
N LEU B 158 -2.98 10.71 -3.98
CA LEU B 158 -1.59 11.11 -3.74
C LEU B 158 -0.78 11.14 -5.02
N ALA B 159 -0.86 10.06 -5.80
CA ALA B 159 -0.11 9.97 -7.05
C ALA B 159 -0.48 11.10 -8.02
N VAL B 160 -1.78 11.32 -8.19
CA VAL B 160 -2.21 12.38 -9.10
C VAL B 160 -1.80 13.75 -8.55
N GLY B 161 -1.99 13.97 -7.25
CA GLY B 161 -1.68 15.25 -6.64
C GLY B 161 -0.21 15.63 -6.79
N PHE B 162 0.68 14.68 -6.54
CA PHE B 162 2.12 14.92 -6.75
C PHE B 162 2.48 15.04 -8.23
N LYS B 163 1.83 14.22 -9.06
CA LYS B 163 2.12 14.18 -10.50
C LYS B 163 1.83 15.49 -11.18
N LEU B 164 0.83 16.21 -10.67
CA LEU B 164 0.44 17.48 -11.26
C LEU B 164 1.50 18.55 -11.03
N LEU B 165 2.37 18.30 -10.06
CA LEU B 165 3.50 19.20 -9.79
C LEU B 165 4.48 19.27 -10.95
N GLN B 166 4.41 18.29 -11.84
CA GLN B 166 5.33 18.15 -12.96
C GLN B 166 4.89 18.98 -14.16
N GLU B 167 3.65 19.46 -14.13
CA GLU B 167 3.12 20.24 -15.25
C GLU B 167 3.83 21.59 -15.37
N GLU B 168 3.66 22.25 -16.52
CA GLU B 168 4.40 23.48 -16.77
C GLU B 168 4.12 24.53 -15.71
N ASN B 169 5.18 24.93 -15.01
CA ASN B 169 5.09 25.96 -13.99
C ASN B 169 4.12 25.61 -12.87
N CYS B 170 4.20 24.37 -12.40
CA CYS B 170 3.30 23.90 -11.37
C CYS B 170 4.05 23.48 -10.12
N ASP B 171 5.37 23.49 -10.18
CA ASP B 171 6.14 22.98 -9.05
C ASP B 171 6.27 23.99 -7.93
N ILE B 172 5.30 24.00 -7.04
CA ILE B 172 5.25 24.98 -5.95
C ILE B 172 6.28 24.68 -4.88
N PHE B 173 6.88 23.51 -4.92
CA PHE B 173 7.87 23.16 -3.92
C PHE B 173 9.30 23.35 -4.45
N GLN B 174 9.42 23.95 -5.63
CA GLN B 174 10.70 24.08 -6.35
C GLN B 174 11.82 24.68 -5.50
N ASN B 175 11.47 25.58 -4.58
CA ASN B 175 12.47 26.22 -3.72
C ASN B 175 12.56 25.64 -2.31
N LEU B 176 11.91 24.51 -2.08
CA LEU B 176 12.16 23.77 -0.86
C LEU B 176 13.52 23.08 -0.97
N THR B 177 14.22 22.96 0.15
CA THR B 177 15.46 22.21 0.18
C THR B 177 15.14 20.74 -0.05
N LYS B 178 16.15 19.96 -0.44
CA LYS B 178 15.89 18.55 -0.71
C LYS B 178 15.31 17.86 0.52
N LYS B 179 15.89 18.12 1.69
CA LYS B 179 15.35 17.52 2.93
C LYS B 179 13.91 17.94 3.15
N GLN B 180 13.62 19.22 2.88
CA GLN B 180 12.26 19.74 3.10
C GLN B 180 11.26 19.00 2.23
N ARG B 181 11.59 18.85 0.95
CA ARG B 181 10.71 18.18 0.00
C ARG B 181 10.45 16.74 0.43
N GLN B 182 11.51 16.03 0.80
CA GLN B 182 11.37 14.65 1.25
C GLN B 182 10.48 14.51 2.49
N SER B 183 10.68 15.41 3.46
CA SER B 183 9.90 15.39 4.69
C SER B 183 8.44 15.70 4.37
N LEU B 184 8.22 16.75 3.57
CA LEU B 184 6.90 17.12 3.16
C LEU B 184 6.19 15.99 2.41
N ARG B 185 6.88 15.38 1.46
CA ARG B 185 6.27 14.28 0.73
C ARG B 185 5.85 13.17 1.70
N LYS B 186 6.71 12.84 2.64
CA LYS B 186 6.40 11.79 3.59
C LYS B 186 5.15 12.11 4.40
N MET B 187 5.07 13.35 4.88
CA MET B 187 3.96 13.76 5.72
C MET B 187 2.67 13.76 4.94
N VAL B 188 2.72 14.24 3.70
CA VAL B 188 1.51 14.33 2.88
C VAL B 188 0.96 12.93 2.61
N ILE B 189 1.86 12.01 2.29
CA ILE B 189 1.45 10.63 2.09
C ILE B 189 0.80 10.07 3.37
N ASP B 190 1.49 10.19 4.50
CA ASP B 190 0.92 9.67 5.75
C ASP B 190 -0.46 10.26 6.05
N ILE B 191 -0.67 11.52 5.67
CA ILE B 191 -1.93 12.19 5.95
C ILE B 191 -3.03 11.72 5.01
N VAL B 192 -2.77 11.67 3.71
CA VAL B 192 -3.84 11.30 2.81
C VAL B 192 -4.21 9.82 2.97
N LEU B 193 -3.24 8.97 3.27
CA LEU B 193 -3.57 7.56 3.49
C LEU B 193 -4.46 7.41 4.74
N ALA B 194 -4.31 8.31 5.72
CA ALA B 194 -5.12 8.25 6.92
C ALA B 194 -6.57 8.65 6.64
N THR B 195 -6.87 9.10 5.41
CA THR B 195 -8.26 9.39 5.05
C THR B 195 -9.00 8.17 4.50
N ASP B 196 -8.32 7.04 4.46
CA ASP B 196 -8.93 5.76 4.13
C ASP B 196 -9.79 5.28 5.33
N MET B 197 -11.10 5.16 5.12
CA MET B 197 -12.00 4.80 6.21
C MET B 197 -11.65 3.48 6.89
N SER B 198 -10.93 2.61 6.20
CA SER B 198 -10.60 1.33 6.79
C SER B 198 -9.55 1.52 7.89
N LYS B 199 -8.94 2.70 7.95
CA LYS B 199 -8.00 2.96 9.02
C LYS B 199 -8.66 3.78 10.16
N HIS B 200 -9.92 4.16 10.00
CA HIS B 200 -10.62 5.01 10.98
C HIS B 200 -10.58 4.47 12.41
N MET B 201 -10.99 3.22 12.60
CA MET B 201 -11.10 2.67 13.97
C MET B 201 -9.74 2.59 14.64
N ASN B 202 -8.72 2.22 13.87
CA ASN B 202 -7.37 2.17 14.39
C ASN B 202 -6.86 3.55 14.70
N LEU B 203 -7.14 4.51 13.82
CA LEU B 203 -6.76 5.90 14.07
C LEU B 203 -7.44 6.41 15.33
N LEU B 204 -8.73 6.14 15.44
CA LEU B 204 -9.51 6.60 16.59
C LEU B 204 -8.99 5.94 17.88
N ALA B 205 -8.76 4.63 17.80
CA ALA B 205 -8.28 3.88 18.96
C ALA B 205 -6.99 4.48 19.49
N ASP B 206 -6.05 4.81 18.60
CA ASP B 206 -4.79 5.41 19.02
C ASP B 206 -4.92 6.83 19.49
N LEU B 207 -5.85 7.57 18.89
CA LEU B 207 -6.09 8.95 19.31
C LEU B 207 -6.57 8.97 20.76
N LYS B 208 -7.50 8.09 21.08
CA LYS B 208 -7.99 7.97 22.46
C LYS B 208 -6.84 7.72 23.44
N THR B 209 -5.90 6.86 23.04
CA THR B 209 -4.76 6.56 23.89
C THR B 209 -3.82 7.74 23.94
N MET B 210 -3.64 8.43 22.82
CA MET B 210 -2.87 9.66 22.83
C MET B 210 -3.47 10.67 23.81
N VAL B 211 -4.80 10.80 23.77
CA VAL B 211 -5.48 11.74 24.63
C VAL B 211 -5.29 11.38 26.10
N GLU B 212 -5.32 10.08 26.40
CA GLU B 212 -5.22 9.58 27.77
C GLU B 212 -3.89 9.95 28.41
N THR B 213 -2.84 10.00 27.59
CA THR B 213 -1.49 10.21 28.11
C THR B 213 -0.90 11.56 27.74
N LYS B 214 -1.72 12.46 27.19
CA LYS B 214 -1.21 13.70 26.59
C LYS B 214 -0.47 14.59 27.57
N LYS B 215 0.54 15.31 27.06
CA LYS B 215 1.32 16.24 27.87
C LYS B 215 1.14 17.66 27.36
N VAL B 216 1.05 18.62 28.27
CA VAL B 216 0.87 20.02 27.90
C VAL B 216 1.82 20.92 28.66
N THR B 217 2.21 22.01 28.04
CA THR B 217 3.01 23.03 28.70
C THR B 217 2.19 23.76 29.76
N SER B 218 2.83 24.68 30.47
CA SER B 218 2.13 25.53 31.43
C SER B 218 1.08 26.38 30.74
N SER B 219 1.42 26.90 29.56
CA SER B 219 0.51 27.72 28.77
C SER B 219 -0.69 26.92 28.25
N GLY B 220 -0.67 25.61 28.45
CA GLY B 220 -1.79 24.75 28.06
C GLY B 220 -1.67 24.13 26.67
N VAL B 221 -0.53 24.35 26.01
CA VAL B 221 -0.37 23.84 24.65
C VAL B 221 0.12 22.40 24.67
N LEU B 222 -0.37 21.60 23.72
CA LEU B 222 0.07 20.22 23.59
C LEU B 222 1.57 20.10 23.34
N LEU B 223 2.19 19.12 23.99
CA LEU B 223 3.60 18.79 23.76
C LEU B 223 3.69 17.51 22.94
N LEU B 224 4.20 17.62 21.72
CA LEU B 224 4.35 16.47 20.82
C LEU B 224 5.82 16.32 20.41
N ASP B 225 6.53 15.41 21.08
CA ASP B 225 7.99 15.38 21.02
C ASP B 225 8.58 14.67 19.79
N ASN B 226 7.92 13.62 19.31
CA ASN B 226 8.43 12.85 18.18
C ASN B 226 7.55 12.92 16.93
N TYR B 227 8.06 12.41 15.81
CA TYR B 227 7.34 12.47 14.56
C TYR B 227 6.06 11.66 14.62
N SER B 228 6.12 10.49 15.27
CA SER B 228 4.95 9.63 15.39
C SER B 228 3.76 10.35 16.00
N ASP B 229 4.03 11.14 17.04
CA ASP B 229 2.96 11.86 17.72
C ASP B 229 2.47 13.02 16.86
N ARG B 230 3.42 13.74 16.26
CA ARG B 230 3.11 14.90 15.45
C ARG B 230 2.25 14.54 14.24
N ILE B 231 2.66 13.53 13.49
CA ILE B 231 1.93 13.12 12.29
C ILE B 231 0.59 12.50 12.70
N GLN B 232 0.57 11.84 13.85
CA GLN B 232 -0.68 11.28 14.35
C GLN B 232 -1.73 12.37 14.55
N VAL B 233 -1.32 13.51 15.08
CA VAL B 233 -2.25 14.62 15.28
C VAL B 233 -2.68 15.24 13.94
N LEU B 234 -1.73 15.41 13.02
CA LEU B 234 -2.07 15.93 11.70
C LEU B 234 -2.99 14.95 10.92
N GLN B 235 -2.72 13.66 11.02
CA GLN B 235 -3.59 12.64 10.41
C GLN B 235 -5.03 12.77 10.92
N ASN B 236 -5.20 12.82 12.23
CA ASN B 236 -6.56 12.92 12.77
C ASN B 236 -7.16 14.28 12.53
N MET B 237 -6.32 15.32 12.43
CA MET B 237 -6.85 16.65 12.14
C MET B 237 -7.48 16.69 10.76
N VAL B 238 -6.76 16.15 9.78
CA VAL B 238 -7.28 16.20 8.42
C VAL B 238 -8.47 15.23 8.29
N HIS B 239 -8.40 14.08 8.96
CA HIS B 239 -9.52 13.14 9.05
C HIS B 239 -10.79 13.80 9.66
N CYS B 240 -10.63 14.57 10.73
CA CYS B 240 -11.75 15.37 11.29
C CYS B 240 -12.33 16.39 10.31
N ALA B 241 -11.45 17.08 9.60
CA ALA B 241 -11.88 18.04 8.58
C ALA B 241 -12.58 17.30 7.43
N ASP B 242 -12.10 16.11 7.07
CA ASP B 242 -12.76 15.32 6.06
C ASP B 242 -14.16 14.95 6.53
N LEU B 243 -14.28 14.76 7.84
CA LEU B 243 -15.52 14.32 8.46
C LEU B 243 -16.25 15.47 9.16
N SER B 244 -16.16 16.68 8.62
CA SER B 244 -16.60 17.81 9.42
C SER B 244 -17.98 18.33 9.03
N ASN B 245 -18.60 17.77 7.99
CA ASN B 245 -19.87 18.32 7.50
C ASN B 245 -20.92 18.44 8.61
N PRO B 246 -21.10 17.37 9.39
CA PRO B 246 -22.20 17.44 10.36
C PRO B 246 -21.92 18.39 11.54
N THR B 247 -20.71 18.94 11.59
CA THR B 247 -20.34 19.89 12.64
C THR B 247 -20.53 21.32 12.17
N LYS B 248 -21.04 21.49 10.96
CA LYS B 248 -21.17 22.81 10.33
C LYS B 248 -22.60 23.33 10.55
N PRO B 249 -22.79 24.64 10.33
CA PRO B 249 -24.16 25.18 10.35
C PRO B 249 -25.07 24.37 9.43
N LEU B 250 -26.30 24.17 9.90
CA LEU B 250 -27.25 23.25 9.29
C LEU B 250 -27.51 23.51 7.80
N GLN B 251 -27.52 24.79 7.42
CA GLN B 251 -27.71 25.16 6.03
C GLN B 251 -26.63 24.56 5.12
N LEU B 252 -25.40 24.53 5.64
CA LEU B 252 -24.26 23.95 4.91
C LEU B 252 -24.34 22.43 4.94
N TYR B 253 -24.57 21.89 6.13
CA TYR B 253 -24.62 20.46 6.36
C TYR B 253 -25.69 19.81 5.49
N ARG B 254 -26.86 20.46 5.39
CA ARG B 254 -27.92 19.97 4.52
C ARG B 254 -27.50 19.82 3.07
N GLN B 255 -26.77 20.81 2.53
CA GLN B 255 -26.27 20.74 1.16
C GLN B 255 -25.26 19.61 0.95
N TRP B 256 -24.36 19.42 1.91
CA TRP B 256 -23.44 18.30 1.87
C TRP B 256 -24.16 16.96 1.87
N THR B 257 -25.23 16.87 2.64
CA THR B 257 -26.03 15.65 2.72
C THR B 257 -26.72 15.36 1.38
N ASP B 258 -27.30 16.39 0.76
CA ASP B 258 -27.87 16.23 -0.59
C ASP B 258 -26.86 15.62 -1.55
N ARG B 259 -25.67 16.21 -1.56
CA ARG B 259 -24.62 15.82 -2.48
C ARG B 259 -24.13 14.39 -2.26
N ILE B 260 -23.87 14.00 -1.02
CA ILE B 260 -23.35 12.65 -0.80
C ILE B 260 -24.43 11.63 -1.16
N MET B 261 -25.70 11.97 -0.96
CA MET B 261 -26.74 11.01 -1.30
C MET B 261 -26.91 10.88 -2.81
N GLU B 262 -26.81 11.98 -3.53
CA GLU B 262 -26.83 11.92 -4.99
C GLU B 262 -25.68 11.06 -5.49
N GLU B 263 -24.50 11.25 -4.90
CA GLU B 263 -23.34 10.47 -5.31
C GLU B 263 -23.52 8.97 -5.01
N PHE B 264 -23.97 8.67 -3.80
CA PHE B 264 -24.21 7.29 -3.38
C PHE B 264 -25.30 6.61 -4.20
N PHE B 265 -26.39 7.32 -4.47
CA PHE B 265 -27.47 6.72 -5.24
C PHE B 265 -27.01 6.42 -6.66
N ARG B 266 -26.12 7.27 -7.20
CA ARG B 266 -25.57 7.02 -8.53
CA ARG B 266 -25.57 7.02 -8.53
C ARG B 266 -24.70 5.76 -8.50
N GLN B 267 -23.95 5.55 -7.43
CA GLN B 267 -23.20 4.31 -7.29
C GLN B 267 -24.15 3.11 -7.22
N GLY B 268 -25.19 3.25 -6.40
CA GLY B 268 -26.21 2.23 -6.28
C GLY B 268 -26.86 1.89 -7.61
N ASP B 269 -27.10 2.89 -8.44
CA ASP B 269 -27.70 2.68 -9.75
C ASP B 269 -26.80 1.77 -10.60
N ARG B 270 -25.50 2.02 -10.54
CA ARG B 270 -24.54 1.22 -11.32
C ARG B 270 -24.50 -0.22 -10.80
N GLU B 271 -24.51 -0.36 -9.48
CA GLU B 271 -24.57 -1.66 -8.85
C GLU B 271 -25.84 -2.42 -9.22
N ARG B 272 -26.97 -1.71 -9.28
CA ARG B 272 -28.22 -2.36 -9.66
C ARG B 272 -28.15 -2.81 -11.11
N GLU B 273 -27.69 -1.94 -12.00
CA GLU B 273 -27.56 -2.28 -13.41
C GLU B 273 -26.63 -3.46 -13.64
N ARG B 274 -25.66 -3.64 -12.75
CA ARG B 274 -24.69 -4.72 -12.84
C ARG B 274 -25.15 -5.98 -12.10
N GLY B 275 -26.39 -5.97 -11.63
CA GLY B 275 -26.91 -7.10 -10.90
C GLY B 275 -26.22 -7.34 -9.56
N MET B 276 -25.46 -6.34 -9.11
CA MET B 276 -24.76 -6.44 -7.82
C MET B 276 -25.68 -6.12 -6.66
N GLU B 277 -25.41 -6.71 -5.50
CA GLU B 277 -26.02 -6.26 -4.26
C GLU B 277 -25.78 -4.75 -4.13
N ILE B 278 -26.83 -3.99 -3.86
CA ILE B 278 -26.69 -2.55 -3.71
C ILE B 278 -26.10 -2.21 -2.34
N SER B 279 -25.03 -1.40 -2.32
CA SER B 279 -24.33 -1.04 -1.10
C SER B 279 -25.21 -0.25 -0.11
N PRO B 280 -24.90 -0.37 1.18
CA PRO B 280 -25.62 0.35 2.23
C PRO B 280 -25.77 1.84 1.91
N MET B 281 -27.00 2.33 1.99
CA MET B 281 -27.30 3.75 1.78
C MET B 281 -27.16 4.19 0.34
N CYS B 282 -27.03 3.24 -0.58
CA CYS B 282 -26.88 3.58 -2.00
C CYS B 282 -28.12 3.29 -2.86
N ASP B 283 -29.18 2.79 -2.22
CA ASP B 283 -30.41 2.46 -2.94
C ASP B 283 -31.41 3.61 -2.83
N LYS B 284 -31.61 4.33 -3.92
CA LYS B 284 -32.48 5.51 -3.88
C LYS B 284 -33.91 5.18 -3.44
N HIS B 285 -34.28 3.90 -3.58
CA HIS B 285 -35.65 3.49 -3.32
C HIS B 285 -35.94 3.18 -1.87
N ASN B 286 -34.90 2.92 -1.08
CA ASN B 286 -35.12 2.42 0.28
C ASN B 286 -34.39 3.19 1.37
N ALA B 287 -33.49 4.07 0.96
CA ALA B 287 -32.65 4.77 1.92
C ALA B 287 -33.41 5.90 2.62
N SER B 288 -33.12 6.10 3.91
CA SER B 288 -33.59 7.29 4.62
C SER B 288 -32.42 8.22 4.96
N VAL B 289 -32.47 9.44 4.44
CA VAL B 289 -31.46 10.44 4.74
C VAL B 289 -31.31 10.69 6.24
N GLU B 290 -32.43 10.85 6.93
CA GLU B 290 -32.41 11.13 8.36
C GLU B 290 -31.73 10.00 9.12
N LYS B 291 -32.18 8.76 8.89
CA LYS B 291 -31.62 7.63 9.63
C LYS B 291 -30.14 7.49 9.30
N SER B 292 -29.79 7.69 8.04
CA SER B 292 -28.39 7.58 7.59
C SER B 292 -27.47 8.60 8.27
N GLN B 293 -27.90 9.86 8.31
CA GLN B 293 -27.07 10.89 8.95
C GLN B 293 -26.96 10.69 10.45
N VAL B 294 -28.04 10.25 11.10
CA VAL B 294 -27.95 10.01 12.53
C VAL B 294 -26.94 8.88 12.81
N GLY B 295 -27.04 7.80 12.04
CA GLY B 295 -26.10 6.69 12.19
C GLY B 295 -24.67 7.15 11.93
N PHE B 296 -24.49 8.00 10.93
CA PHE B 296 -23.20 8.57 10.55
C PHE B 296 -22.59 9.35 11.71
N ILE B 297 -23.40 10.20 12.32
CA ILE B 297 -22.95 10.98 13.47
C ILE B 297 -22.66 10.07 14.64
N ASP B 298 -23.57 9.16 14.90
CA ASP B 298 -23.49 8.30 16.07
C ASP B 298 -22.29 7.37 16.08
N TYR B 299 -22.03 6.76 14.94
CA TYR B 299 -21.06 5.67 14.90
C TYR B 299 -19.72 6.10 14.33
N ILE B 300 -19.67 7.27 13.70
CA ILE B 300 -18.41 7.75 13.10
C ILE B 300 -18.02 9.18 13.52
N VAL B 301 -18.86 10.14 13.20
CA VAL B 301 -18.48 11.55 13.35
C VAL B 301 -18.38 11.96 14.83
N HIS B 302 -19.39 11.64 15.63
CA HIS B 302 -19.33 12.04 17.03
C HIS B 302 -18.23 11.33 17.83
N PRO B 303 -18.07 10.01 17.61
CA PRO B 303 -16.99 9.34 18.36
C PRO B 303 -15.60 9.96 18.07
N LEU B 304 -15.32 10.36 16.83
CA LEU B 304 -14.06 11.02 16.47
C LEU B 304 -13.98 12.46 17.02
N TRP B 305 -14.98 13.27 16.71
CA TRP B 305 -14.92 14.66 17.14
C TRP B 305 -14.94 14.81 18.65
N GLU B 306 -15.61 13.89 19.33
CA GLU B 306 -15.59 13.86 20.79
C GLU B 306 -14.15 13.67 21.29
N THR B 307 -13.38 12.85 20.59
CA THR B 307 -12.02 12.54 20.99
C THR B 307 -11.12 13.73 20.68
N TRP B 308 -11.31 14.33 19.52
CA TRP B 308 -10.59 15.55 19.15
C TRP B 308 -10.86 16.66 20.18
N ALA B 309 -12.12 16.81 20.56
CA ALA B 309 -12.50 17.83 21.53
C ALA B 309 -11.79 17.57 22.85
N ASP B 310 -11.64 16.30 23.20
CA ASP B 310 -10.88 15.90 24.39
C ASP B 310 -9.44 16.40 24.32
N LEU B 311 -8.80 16.15 23.18
CA LEU B 311 -7.41 16.51 22.94
C LEU B 311 -7.14 17.99 23.14
N VAL B 312 -8.05 18.80 22.62
CA VAL B 312 -7.84 20.24 22.57
C VAL B 312 -8.77 20.99 23.50
N HIS B 313 -9.38 20.29 24.47
CA HIS B 313 -10.39 20.90 25.35
C HIS B 313 -9.89 22.20 25.95
N PRO B 314 -10.73 23.26 25.92
CA PRO B 314 -12.12 23.35 25.45
C PRO B 314 -12.26 23.97 24.06
N ASP B 315 -11.19 23.94 23.26
CA ASP B 315 -11.14 24.64 21.98
C ASP B 315 -12.26 24.28 21.02
N ALA B 316 -12.64 23.01 20.99
CA ALA B 316 -13.57 22.50 20.00
C ALA B 316 -15.01 22.36 20.52
N GLN B 317 -15.29 22.93 21.68
CA GLN B 317 -16.59 22.69 22.31
C GLN B 317 -17.77 23.20 21.49
N ASP B 318 -17.58 24.36 20.85
CA ASP B 318 -18.61 24.93 19.98
C ASP B 318 -18.86 24.04 18.76
N ILE B 319 -17.79 23.47 18.23
CA ILE B 319 -17.92 22.56 17.10
C ILE B 319 -18.71 21.34 17.54
N LEU B 320 -18.37 20.80 18.71
CA LEU B 320 -19.07 19.65 19.27
C LEU B 320 -20.54 19.96 19.57
N ASP B 321 -20.82 21.17 20.07
CA ASP B 321 -22.21 21.59 20.33
C ASP B 321 -23.07 21.61 19.08
N THR B 322 -22.53 22.16 18.00
CA THR B 322 -23.22 22.19 16.72
C THR B 322 -23.51 20.77 16.25
N LEU B 323 -22.50 19.91 16.38
CA LEU B 323 -22.64 18.51 16.01
C LEU B 323 -23.80 17.85 16.73
N GLU B 324 -23.82 17.99 18.05
CA GLU B 324 -24.88 17.42 18.87
C GLU B 324 -26.26 18.05 18.54
N ASP B 325 -26.31 19.35 18.29
CA ASP B 325 -27.55 19.99 17.84
C ASP B 325 -28.02 19.40 16.50
N ASN B 326 -27.07 19.25 15.58
CA ASN B 326 -27.40 18.77 14.24
C ASN B 326 -27.89 17.33 14.33
N ARG B 327 -27.29 16.54 15.23
CA ARG B 327 -27.75 15.16 15.45
C ARG B 327 -29.17 15.16 16.02
N GLU B 328 -29.39 15.94 17.07
CA GLU B 328 -30.69 16.06 17.71
C GLU B 328 -31.73 16.50 16.68
N TRP B 329 -31.31 17.37 15.77
CA TRP B 329 -32.16 17.84 14.71
C TRP B 329 -32.56 16.77 13.69
N TYR B 330 -31.58 16.04 13.16
CA TYR B 330 -31.88 15.00 12.17
C TYR B 330 -32.72 13.86 12.77
N GLN B 331 -32.63 13.64 14.07
CA GLN B 331 -33.33 12.50 14.65
C GLN B 331 -34.74 12.90 15.07
N SER B 332 -35.05 14.18 15.01
CA SER B 332 -36.34 14.67 15.51
C SER B 332 -37.54 14.22 14.65
N THR B 333 -37.33 14.04 13.35
CA THR B 333 -38.41 13.56 12.46
C THR B 333 -38.48 12.04 12.34
N ILE B 334 -37.66 11.34 13.09
CA ILE B 334 -37.70 9.88 13.07
C ILE B 334 -38.54 9.39 14.25
N PRO B 335 -39.65 8.69 13.98
CA PRO B 335 -40.42 8.16 15.11
C PRO B 335 -39.60 7.24 16.01
N GLN B 336 -39.74 7.42 17.32
CA GLN B 336 -38.99 6.66 18.31
C GLN B 336 -39.83 6.32 19.53
N ALA B 337 -39.55 5.17 20.15
CA ALA B 337 -40.22 4.78 21.40
C ALA B 337 -39.66 5.54 22.60
ZN ZN C . 12.64 -12.38 -5.02
MG MG D . 11.27 -8.85 -4.65
MG MG E . 19.34 -37.28 -9.78
MG MG F . -2.95 -20.52 16.27
C10 D0B G . 19.48 -11.32 -1.15
C13 D0B G . 18.29 -10.70 -0.61
C15 D0B G . 14.07 -9.77 -1.46
C17 D0B G . 16.25 -8.14 -2.82
C20 D0B G . 15.37 -6.14 -1.58
C21 D0B G . 16.85 -9.61 0.65
C22 D0B G . 18.16 -9.80 0.47
C24 D0B G . 17.27 -4.83 -0.54
C01 D0B G . 23.05 -14.41 -2.92
O01 D0B G . 22.90 -13.17 -2.37
C02 D0B G . 21.75 -12.64 -2.00
C03 D0B G . 21.92 -11.48 -1.31
O02 D0B G . 23.06 -10.87 -0.94
C04 D0B G . 23.19 -9.65 -0.25
C05 D0B G . 23.07 -8.43 -1.13
C06 D0B G . 24.45 -8.02 -1.33
C07 D0B G . 25.26 -9.16 -0.83
C08 D0B G . 24.48 -9.65 0.33
C09 D0B G . 20.75 -10.84 -0.87
C11 D0B G . 19.38 -12.48 -1.82
C12 D0B G . 20.50 -13.11 -2.26
N01 D0B G . 17.11 -11.04 -0.94
N02 D0B G . 16.28 -10.39 -0.24
C14 D0B G . 14.81 -10.45 -0.30
C16 D0B G . 14.24 -8.29 -1.24
N03 D0B G . 15.27 -7.59 -1.87
C18 D0B G . 17.63 -7.75 -2.31
O03 D0B G . 17.81 -6.33 -2.34
C19 D0B G . 16.75 -5.49 -1.82
O04 D0B G . 13.45 -7.74 -0.46
C23 D0B G . 18.71 -8.45 -3.11
H01 D0B G . 13.00 -9.98 -1.39
H19 D0B G . 14.40 -10.10 -2.44
H20 D0B G . 16.05 -7.68 -3.79
H21 D0B G . 16.16 -9.21 -2.91
H25 D0B G . 15.11 -6.06 -0.52
H24 D0B G . 14.60 -5.60 -2.14
H26 D0B G . 16.32 -8.99 1.33
H27 D0B G . 18.94 -9.30 1.02
H30 D0B G . 16.51 -4.18 -0.09
H28 D0B G . 18.16 -4.22 -0.76
H29 D0B G . 17.57 -5.58 0.19
H02 D0B G . 23.87 -14.87 -2.38
H03 D0B G . 23.34 -14.38 -3.96
H04 D0B G . 22.16 -15.01 -2.77
H05 D0B G . 22.49 -9.52 0.57
H07 D0B G . 22.50 -7.63 -0.70
H06 D0B G . 22.63 -8.69 -2.08
H08 D0B G . 24.63 -7.13 -0.72
H09 D0B G . 24.65 -7.78 -2.36
H10 D0B G . 25.31 -9.91 -1.61
H11 D0B G . 26.26 -8.89 -0.54
H12 D0B G . 24.83 -10.60 0.72
H13 D0B G . 24.49 -8.93 1.15
H14 D0B G . 20.79 -9.95 -0.29
H15 D0B G . 18.42 -12.90 -2.04
H16 D0B G . 20.58 -13.89 -2.74
H17 D0B G . 14.58 -11.52 -0.18
H18 D0B G . 14.44 -10.03 0.64
H22 D0B G . 17.72 -8.06 -1.26
H23 D0B G . 16.61 -4.70 -2.58
H32 D0B G . 18.84 -7.98 -4.10
H33 D0B G . 18.47 -9.51 -3.26
H31 D0B G . 19.68 -8.38 -2.60
ZN ZN H . -12.63 13.76 1.40
MG MG I . -11.33 10.45 0.24
C10 D0B J . -19.29 11.05 4.79
C13 D0B J . -18.10 10.26 4.95
C15 D0B J . -13.99 9.85 3.53
C17 D0B J . -16.33 8.83 1.97
C20 D0B J . -15.32 6.53 2.11
C21 D0B J . -16.65 8.71 5.47
C22 D0B J . -17.96 8.95 5.47
C24 D0B J . -17.11 4.76 2.50
C01 D0B J . -22.97 14.48 4.53
O01 D0B J . -22.80 13.15 4.64
C02 D0B J . -21.62 12.55 4.69
C03 D0B J . -21.72 11.22 4.89
O02 D0B J . -22.79 10.43 5.04
C04 D0B J . -23.02 9.28 4.27
C05 D0B J . -24.27 9.25 3.40
C06 D0B J . -25.06 8.25 4.08
C07 D0B J . -24.62 8.46 5.47
C08 D0B J . -23.14 8.35 5.31
C09 D0B J . -20.54 10.48 4.96
C11 D0B J . -19.24 12.37 4.63
C12 D0B J . -20.38 13.08 4.56
N01 D0B J . -16.93 10.71 4.75
N02 D0B J . -16.10 9.81 5.03
C14 D0B J . -14.63 9.92 4.92
C16 D0B J . -14.13 8.38 3.11
N03 D0B J . -15.25 7.96 2.43
C18 D0B J . -17.71 8.22 2.12
O03 D0B J . -17.85 6.86 1.71
C19 D0B J . -16.71 5.98 1.69
O04 D0B J . -13.27 7.58 3.45
C23 D0B J . -18.68 9.06 1.29
H01 D0B J . -12.91 10.07 3.59
H19 D0B J . -14.41 10.55 2.80
H20 D0B J . -16.13 9.02 0.92
H21 D0B J . -16.30 9.78 2.49
H25 D0B J . -15.00 6.02 3.03
H24 D0B J . -14.59 6.29 1.33
H26 D0B J . -16.09 7.84 5.75
H27 D0B J . -18.72 8.26 5.76
H30 D0B J . -16.77 3.84 2.01
H28 D0B J . -18.19 4.71 2.62
H29 D0B J . -16.68 4.81 3.50
H02 D0B J . -23.71 14.74 5.27
H03 D0B J . -23.39 14.76 3.57
H04 D0B J . -22.06 15.02 4.73
H05 D0B J . -22.18 8.96 3.67
H07 D0B J . -24.08 8.95 2.38
H06 D0B J . -24.78 10.20 3.40
H08 D0B J . -24.78 7.26 3.72
H09 D0B J . -26.12 8.40 3.93
H10 D0B J . -24.91 9.46 5.80
H11 D0B J . -24.99 7.73 6.18
H12 D0B J . -22.57 8.56 6.22
H13 D0B J . -22.86 7.36 4.95
H14 D0B J . -20.54 9.41 5.13
H15 D0B J . -18.29 12.87 4.52
H16 D0B J . -20.48 14.00 4.43
H17 D0B J . -14.38 10.82 5.49
H18 D0B J . -14.21 9.12 5.54
H22 D0B J . -18.03 8.27 3.17
H23 D0B J . -16.62 5.67 0.65
H32 D0B J . -18.28 10.07 1.14
H33 D0B J . -19.65 9.14 1.78
H31 D0B J . -18.81 8.62 0.30
#